data_4U72
#
_entry.id   4U72
#
_cell.length_a   85.971
_cell.length_b   98.890
_cell.length_c   131.582
_cell.angle_alpha   90.000
_cell.angle_beta   90.000
_cell.angle_gamma   90.000
#
_symmetry.space_group_name_H-M   'P 21 21 21'
#
loop_
_entity.id
_entity.type
_entity.pdbx_description
1 polymer 'Indoleamine 2,3-dioxygenase 1'
2 non-polymer 'PROTOPORPHYRIN IX CONTAINING FE'
3 non-polymer 4-PHENYL-1H-IMIDAZOLE
4 non-polymer '2-[N-CYCLOHEXYLAMINO]ETHANE SULFONIC ACID'
5 water water
#
_entity_poly.entity_id   1
_entity_poly.type   'polypeptide(L)'
_entity_poly.pdbx_seq_one_letter_code
;GSHMAHAMENSWTISKEYHIDEEVGFALPNPQENLPDFYNDWMFIAKHLPDLIESGQLRERVEKLNMLSIDHLTDHKSQR
LARLVLGCITMAYVWGKGHGDVRKVLPRNIAVPYCQLSKKLELPPILVYADCVLANWKKKDPNKPLTYENMDVLFSFRDG
DCSKGFFLVSLLVEIAAASAIKVIPTVFKAMQMQERDTLLKALLEIASCLEKALQVFHQIHDHVNPKAFFSVLRIYLSGW
KGNPQLSDGLVYEGFWEDPKEFGGGSAGQSSVFQCFDVLLGIQQTAGGGHAAQFLQDMRRYMPPAHRNFLCSLESNPSVR
EFVLSKGDAGLREAYDACVKALVSLRSYHLQIVTKYILIPASQQPKENKTSEDPSKLEAKGTGGTDLMNFLKTVRSTTEK
SLLKEG
;
_entity_poly.pdbx_strand_id   A,B
#
loop_
_chem_comp.id
_chem_comp.type
_chem_comp.name
_chem_comp.formula
HEM non-polymer 'PROTOPORPHYRIN IX CONTAINING FE' 'C34 H32 Fe N4 O4'
NHE non-polymer '2-[N-CYCLOHEXYLAMINO]ETHANE SULFONIC ACID' 'C8 H17 N O3 S'
PIM non-polymer 4-PHENYL-1H-IMIDAZOLE 'C9 H8 N2'
#
# COMPACT_ATOMS: atom_id res chain seq x y z
N SER A 15 -7.71 -20.17 -4.14
CA SER A 15 -6.35 -20.35 -4.67
C SER A 15 -6.47 -20.03 -6.16
N LYS A 16 -7.51 -20.55 -6.83
CA LYS A 16 -7.72 -20.29 -8.24
C LYS A 16 -7.96 -18.84 -8.55
N GLU A 17 -8.51 -18.12 -7.59
CA GLU A 17 -8.70 -16.68 -7.75
C GLU A 17 -7.35 -15.97 -7.89
N TYR A 18 -6.25 -16.61 -7.50
CA TYR A 18 -4.94 -15.96 -7.45
C TYR A 18 -4.18 -16.07 -8.76
N HIS A 19 -4.69 -16.86 -9.73
CA HIS A 19 -4.09 -16.97 -11.07
C HIS A 19 -2.61 -17.40 -10.97
N ILE A 20 -2.32 -18.35 -10.12
CA ILE A 20 -1.00 -18.88 -10.01
C ILE A 20 -1.00 -20.26 -10.64
N ASP A 21 -0.03 -20.47 -11.53
CA ASP A 21 0.12 -21.73 -12.25
C ASP A 21 1.05 -22.69 -11.51
N GLU A 22 0.67 -23.95 -11.49
CA GLU A 22 1.49 -25.01 -10.87
C GLU A 22 2.93 -25.00 -11.40
N GLU A 23 3.04 -24.87 -12.72
CA GLU A 23 4.32 -24.99 -13.37
C GLU A 23 5.06 -23.62 -13.50
N VAL A 24 4.34 -22.56 -13.85
CA VAL A 24 4.98 -21.28 -14.23
C VAL A 24 4.68 -20.17 -13.26
N GLY A 25 3.89 -20.47 -12.21
CA GLY A 25 3.75 -19.60 -11.05
C GLY A 25 2.99 -18.35 -11.46
N PHE A 26 3.63 -17.19 -11.30
CA PHE A 26 2.88 -15.95 -11.62
C PHE A 26 2.91 -15.69 -13.14
N ALA A 27 3.78 -16.37 -13.88
CA ALA A 27 3.81 -16.16 -15.38
C ALA A 27 2.48 -16.65 -15.94
N LEU A 28 2.06 -16.08 -17.09
CA LEU A 28 0.80 -16.44 -17.72
C LEU A 28 1.16 -17.76 -18.47
N PRO A 29 0.39 -18.85 -18.21
CA PRO A 29 0.60 -20.13 -18.87
C PRO A 29 0.32 -19.99 -20.36
N ASN A 30 1.17 -20.53 -21.19
CA ASN A 30 0.95 -20.56 -22.65
C ASN A 30 0.29 -19.27 -23.21
N PRO A 31 1.08 -18.18 -23.27
CA PRO A 31 0.47 -16.90 -23.66
C PRO A 31 -0.04 -16.95 -25.14
N GLN A 32 -1.08 -16.22 -25.45
CA GLN A 32 -1.61 -16.13 -26.79
C GLN A 32 -0.66 -15.28 -27.60
N GLU A 33 -0.52 -15.66 -28.87
CA GLU A 33 0.41 -15.03 -29.82
C GLU A 33 -0.27 -14.23 -30.91
N ASN A 34 -1.53 -14.53 -31.22
CA ASN A 34 -2.25 -13.79 -32.27
C ASN A 34 -3.45 -13.18 -31.68
N LEU A 35 -3.88 -12.04 -32.20
CA LEU A 35 -5.13 -11.40 -31.81
C LEU A 35 -6.13 -11.69 -32.96
N PRO A 36 -7.46 -11.49 -32.74
CA PRO A 36 -8.47 -11.46 -33.81
C PRO A 36 -7.99 -10.56 -34.94
N ASP A 37 -8.32 -10.93 -36.20
CA ASP A 37 -7.97 -10.15 -37.37
C ASP A 37 -8.37 -8.70 -37.23
N PHE A 38 -9.46 -8.46 -36.50
CA PHE A 38 -9.88 -7.10 -36.24
C PHE A 38 -8.72 -6.16 -35.74
N TYR A 39 -7.71 -6.73 -35.07
CA TYR A 39 -6.59 -5.94 -34.47
C TYR A 39 -5.31 -6.01 -35.30
N ASN A 40 -5.39 -6.53 -36.53
CA ASN A 40 -4.20 -6.64 -37.39
C ASN A 40 -3.40 -5.33 -37.49
N ASP A 41 -4.08 -4.18 -37.43
CA ASP A 41 -3.33 -2.89 -37.60
C ASP A 41 -2.35 -2.68 -36.42
N TRP A 42 -2.78 -3.16 -35.24
CA TRP A 42 -1.92 -3.07 -34.03
C TRP A 42 -0.86 -4.06 -34.18
N MET A 43 -1.25 -5.31 -34.49
CA MET A 43 -0.26 -6.37 -34.60
C MET A 43 0.85 -6.07 -35.56
N PHE A 44 0.47 -5.46 -36.70
CA PHE A 44 1.47 -5.24 -37.74
C PHE A 44 2.58 -4.33 -37.18
N ILE A 45 2.19 -3.28 -36.46
CA ILE A 45 3.18 -2.34 -35.94
C ILE A 45 4.06 -3.07 -34.88
N ALA A 46 3.39 -3.73 -33.91
CA ALA A 46 4.12 -4.38 -32.80
C ALA A 46 5.09 -5.43 -33.28
N LYS A 47 4.78 -6.08 -34.40
CA LYS A 47 5.65 -7.20 -34.80
C LYS A 47 6.84 -6.70 -35.61
N HIS A 48 6.81 -5.45 -36.03
CA HIS A 48 7.83 -4.89 -36.88
C HIS A 48 8.51 -3.67 -36.22
N LEU A 49 8.55 -3.65 -34.88
CA LEU A 49 9.06 -2.46 -34.21
C LEU A 49 10.48 -2.19 -34.58
N PRO A 50 11.37 -3.21 -34.60
CA PRO A 50 12.72 -2.79 -34.90
C PRO A 50 12.94 -2.06 -36.23
N ASP A 51 12.42 -2.62 -37.32
CA ASP A 51 12.39 -1.95 -38.60
C ASP A 51 11.63 -0.62 -38.57
N LEU A 52 10.43 -0.58 -38.02
CA LEU A 52 9.68 0.68 -38.11
C LEU A 52 10.32 1.79 -37.32
N ILE A 53 10.87 1.44 -36.15
CA ILE A 53 11.55 2.47 -35.33
C ILE A 53 12.81 2.98 -36.09
N GLU A 54 13.64 2.04 -36.53
CA GLU A 54 14.91 2.36 -37.10
C GLU A 54 14.79 3.26 -38.36
N SER A 55 13.72 3.08 -39.15
CA SER A 55 13.57 3.80 -40.41
C SER A 55 12.68 5.02 -40.20
N GLY A 56 12.29 5.32 -38.96
CA GLY A 56 11.49 6.55 -38.75
C GLY A 56 10.07 6.41 -39.23
N GLN A 57 9.59 5.17 -39.43
CA GLN A 57 8.14 5.03 -39.85
C GLN A 57 7.17 4.82 -38.67
N LEU A 58 7.70 4.43 -37.49
CA LEU A 58 6.84 4.05 -36.35
C LEU A 58 5.85 5.15 -35.94
N ARG A 59 6.34 6.37 -35.77
CA ARG A 59 5.44 7.42 -35.21
C ARG A 59 4.30 7.79 -36.13
N GLU A 60 4.61 8.04 -37.42
CA GLU A 60 3.56 8.30 -38.38
C GLU A 60 2.54 7.16 -38.44
N ARG A 61 2.99 5.90 -38.49
CA ARG A 61 2.01 4.76 -38.46
C ARG A 61 1.10 4.79 -37.25
N VAL A 62 1.64 5.11 -36.08
CA VAL A 62 0.76 5.17 -34.87
C VAL A 62 -0.22 6.32 -35.01
N GLU A 63 0.29 7.47 -35.48
CA GLU A 63 -0.57 8.66 -35.69
C GLU A 63 -1.69 8.42 -36.73
N LYS A 64 -1.52 7.43 -37.59
CA LYS A 64 -2.48 7.10 -38.64
C LYS A 64 -3.50 6.05 -38.28
N LEU A 65 -3.28 5.26 -37.21
CA LEU A 65 -4.26 4.21 -36.79
C LEU A 65 -5.64 4.80 -36.58
N ASN A 66 -6.65 4.00 -36.93
CA ASN A 66 -8.02 4.27 -36.52
C ASN A 66 -8.18 3.78 -35.11
N MET A 67 -9.10 4.36 -34.36
CA MET A 67 -9.37 3.89 -33.03
C MET A 67 -10.12 2.57 -33.10
N LEU A 68 -9.52 1.48 -32.64
CA LEU A 68 -10.19 0.20 -32.62
C LEU A 68 -10.86 -0.04 -31.28
N SER A 69 -12.09 -0.56 -31.29
CA SER A 69 -12.78 -0.91 -30.05
C SER A 69 -12.05 -2.10 -29.37
N ILE A 70 -12.03 -2.07 -28.03
CA ILE A 70 -11.48 -3.21 -27.23
C ILE A 70 -12.50 -4.35 -27.02
N ASP A 71 -13.75 -4.15 -27.45
CA ASP A 71 -14.76 -5.20 -27.24
C ASP A 71 -14.50 -6.54 -27.83
N HIS A 72 -13.71 -6.64 -28.89
CA HIS A 72 -13.53 -7.97 -29.52
C HIS A 72 -12.38 -8.77 -28.93
N LEU A 73 -11.86 -8.29 -27.79
CA LEU A 73 -10.78 -8.97 -27.05
C LEU A 73 -11.54 -9.63 -25.92
N THR A 74 -11.88 -10.90 -26.10
CA THR A 74 -12.98 -11.42 -25.27
C THR A 74 -12.58 -12.29 -24.10
N ASP A 75 -11.30 -12.66 -23.98
CA ASP A 75 -10.88 -13.43 -22.82
C ASP A 75 -9.58 -12.83 -22.22
N HIS A 76 -9.22 -13.29 -21.03
CA HIS A 76 -8.01 -12.77 -20.37
C HIS A 76 -6.75 -12.88 -21.27
N LYS A 77 -6.47 -14.06 -21.83
CA LYS A 77 -5.24 -14.21 -22.65
C LYS A 77 -5.18 -13.23 -23.84
N SER A 78 -6.32 -12.90 -24.47
CA SER A 78 -6.31 -12.02 -25.63
C SER A 78 -6.16 -10.56 -25.13
N GLN A 79 -6.77 -10.24 -23.98
CA GLN A 79 -6.62 -8.88 -23.40
C GLN A 79 -5.13 -8.61 -22.95
N ARG A 80 -4.47 -9.69 -22.49
CA ARG A 80 -3.10 -9.66 -22.00
C ARG A 80 -2.14 -9.49 -23.21
N LEU A 81 -2.44 -10.16 -24.31
CA LEU A 81 -1.64 -10.04 -25.49
C LEU A 81 -1.81 -8.63 -26.04
N ALA A 82 -3.04 -8.14 -26.06
CA ALA A 82 -3.29 -6.80 -26.55
C ALA A 82 -2.54 -5.76 -25.67
N ARG A 83 -2.52 -5.96 -24.35
CA ARG A 83 -1.75 -4.98 -23.47
C ARG A 83 -0.27 -4.99 -23.81
N LEU A 84 0.27 -6.18 -24.05
CA LEU A 84 1.65 -6.32 -24.41
C LEU A 84 1.94 -5.58 -25.77
N VAL A 85 1.05 -5.78 -26.73
CA VAL A 85 1.17 -5.15 -28.03
C VAL A 85 1.13 -3.59 -27.87
N LEU A 86 0.12 -3.09 -27.17
CA LEU A 86 -0.10 -1.69 -27.05
C LEU A 86 0.96 -1.04 -26.17
N GLY A 87 1.42 -1.78 -25.16
CA GLY A 87 2.52 -1.28 -24.30
C GLY A 87 3.84 -1.13 -25.06
N CYS A 88 4.19 -2.13 -25.85
CA CYS A 88 5.41 -2.07 -26.69
C CYS A 88 5.33 -0.94 -27.71
N ILE A 89 4.19 -0.81 -28.37
CA ILE A 89 4.01 0.29 -29.32
C ILE A 89 4.13 1.66 -28.60
N THR A 90 3.54 1.77 -27.39
CA THR A 90 3.61 3.01 -26.63
C THR A 90 5.05 3.33 -26.27
N MET A 91 5.82 2.34 -25.78
CA MET A 91 7.22 2.65 -25.49
C MET A 91 7.93 3.13 -26.80
N ALA A 92 7.65 2.48 -27.94
CA ALA A 92 8.38 2.84 -29.16
C ALA A 92 7.93 4.26 -29.53
N TYR A 93 6.66 4.59 -29.34
CA TYR A 93 6.21 5.92 -29.76
C TYR A 93 6.79 7.03 -28.89
N VAL A 94 6.74 6.81 -27.58
CA VAL A 94 7.33 7.76 -26.66
C VAL A 94 8.85 8.00 -26.84
N TRP A 95 9.62 6.92 -26.88
CA TRP A 95 11.04 7.06 -26.88
C TRP A 95 11.66 7.18 -28.29
N GLY A 96 10.90 6.83 -29.32
CA GLY A 96 11.40 6.85 -30.73
C GLY A 96 12.57 5.97 -30.93
N LYS A 97 13.63 6.52 -31.55
CA LYS A 97 14.83 5.76 -31.79
C LYS A 97 15.69 5.60 -30.53
N GLY A 98 15.21 6.10 -29.40
CA GLY A 98 15.93 5.91 -28.13
C GLY A 98 17.15 6.83 -27.98
N HIS A 99 17.12 8.02 -28.62
CA HIS A 99 18.27 8.98 -28.55
C HIS A 99 17.79 10.26 -27.89
N GLY A 100 16.70 10.23 -27.14
CA GLY A 100 16.35 11.41 -26.38
C GLY A 100 15.34 12.29 -27.08
N ASP A 101 14.90 11.95 -28.31
CA ASP A 101 13.76 12.75 -28.80
C ASP A 101 12.41 12.11 -28.37
N VAL A 102 11.66 12.74 -27.49
CA VAL A 102 10.53 12.09 -26.83
C VAL A 102 9.22 12.75 -27.20
N ARG A 103 8.18 11.96 -27.36
CA ARG A 103 6.86 12.46 -27.62
C ARG A 103 6.19 12.57 -26.26
N LYS A 104 5.48 13.68 -26.06
CA LYS A 104 4.84 13.96 -24.79
C LYS A 104 3.34 13.67 -24.84
N VAL A 105 2.78 13.32 -26.03
CA VAL A 105 1.36 13.09 -26.17
C VAL A 105 1.19 11.77 -26.89
N LEU A 106 0.38 10.87 -26.31
CA LEU A 106 0.11 9.58 -26.99
C LEU A 106 -1.19 9.80 -27.77
N PRO A 107 -1.16 9.60 -29.12
CA PRO A 107 -2.34 9.97 -29.94
C PRO A 107 -3.58 9.18 -29.53
N ARG A 108 -4.71 9.87 -29.48
CA ARG A 108 -5.98 9.34 -28.95
C ARG A 108 -6.36 7.96 -29.48
N ASN A 109 -6.12 7.72 -30.77
CA ASN A 109 -6.55 6.47 -31.36
C ASN A 109 -5.85 5.22 -30.81
N ILE A 110 -4.68 5.42 -30.23
CA ILE A 110 -4.10 4.35 -29.46
C ILE A 110 -4.30 4.58 -27.94
N ALA A 111 -4.13 5.81 -27.46
CA ALA A 111 -4.29 6.08 -26.02
C ALA A 111 -5.60 5.64 -25.48
N VAL A 112 -6.69 5.85 -26.23
CA VAL A 112 -8.03 5.53 -25.71
C VAL A 112 -8.24 4.01 -25.49
N PRO A 113 -8.08 3.16 -26.54
CA PRO A 113 -8.24 1.72 -26.29
C PRO A 113 -7.21 1.23 -25.24
N TYR A 114 -6.02 1.79 -25.24
CA TYR A 114 -4.99 1.25 -24.30
C TYR A 114 -5.45 1.59 -22.87
N CYS A 115 -5.91 2.80 -22.66
CA CYS A 115 -6.46 3.17 -21.36
C CYS A 115 -7.72 2.40 -20.97
N GLN A 116 -8.64 2.19 -21.92
CA GLN A 116 -9.82 1.37 -21.58
C GLN A 116 -9.42 -0.08 -21.27
N LEU A 117 -8.53 -0.68 -22.06
CA LEU A 117 -8.13 -2.05 -21.78
C LEU A 117 -7.41 -2.16 -20.41
N SER A 118 -6.57 -1.17 -20.13
CA SER A 118 -5.82 -1.14 -18.87
C SER A 118 -6.78 -1.06 -17.68
N LYS A 119 -7.80 -0.20 -17.80
CA LYS A 119 -8.84 -0.05 -16.77
C LYS A 119 -9.56 -1.37 -16.49
N LYS A 120 -9.87 -2.08 -17.56
CA LYS A 120 -10.53 -3.36 -17.43
C LYS A 120 -9.61 -4.36 -16.75
N LEU A 121 -8.31 -4.29 -17.00
CA LEU A 121 -7.41 -5.31 -16.43
C LEU A 121 -6.92 -4.87 -15.05
N GLU A 122 -7.33 -3.68 -14.64
CA GLU A 122 -6.84 -3.00 -13.43
C GLU A 122 -5.30 -2.84 -13.38
N LEU A 123 -4.72 -2.47 -14.51
CA LEU A 123 -3.28 -2.22 -14.61
C LEU A 123 -3.10 -0.81 -15.14
N PRO A 124 -1.93 -0.21 -14.87
CA PRO A 124 -1.75 1.13 -15.40
C PRO A 124 -1.45 1.06 -16.91
N PRO A 125 -1.69 2.19 -17.65
CA PRO A 125 -1.51 2.26 -19.10
C PRO A 125 -0.01 2.53 -19.43
N ILE A 126 0.84 1.61 -19.00
CA ILE A 126 2.27 1.63 -19.36
C ILE A 126 2.69 0.16 -19.42
N LEU A 127 3.75 -0.15 -20.16
CA LEU A 127 4.21 -1.52 -20.23
C LEU A 127 4.74 -1.96 -18.82
N VAL A 128 4.27 -3.09 -18.28
CA VAL A 128 4.72 -3.55 -16.96
C VAL A 128 5.37 -4.92 -17.10
N TYR A 129 6.00 -5.36 -16.00
CA TYR A 129 6.66 -6.65 -15.95
C TYR A 129 5.73 -7.78 -16.38
N ALA A 130 4.47 -7.76 -15.90
CA ALA A 130 3.51 -8.82 -16.23
C ALA A 130 3.19 -8.84 -17.74
N ASP A 131 3.45 -7.72 -18.43
CA ASP A 131 3.32 -7.70 -19.90
C ASP A 131 4.57 -8.26 -20.57
N CYS A 132 5.71 -7.59 -20.36
CA CYS A 132 6.86 -7.83 -21.18
C CYS A 132 7.67 -9.03 -20.77
N VAL A 133 7.38 -9.62 -19.58
CA VAL A 133 8.02 -10.87 -19.15
C VAL A 133 6.92 -11.93 -19.08
N LEU A 134 5.92 -11.68 -18.24
CA LEU A 134 5.04 -12.81 -17.79
C LEU A 134 4.12 -13.28 -18.94
N ALA A 135 3.79 -12.38 -19.87
CA ALA A 135 2.94 -12.70 -21.01
C ALA A 135 3.70 -12.68 -22.36
N ASN A 136 5.04 -12.52 -22.34
CA ASN A 136 5.79 -12.19 -23.55
C ASN A 136 6.64 -13.34 -23.94
N TRP A 137 6.04 -14.53 -23.99
CA TRP A 137 6.90 -15.71 -24.25
C TRP A 137 6.17 -16.86 -24.99
N LYS A 138 6.97 -17.80 -25.48
CA LYS A 138 6.45 -19.04 -26.07
C LYS A 138 7.50 -20.12 -26.03
N LYS A 139 7.05 -21.37 -25.99
CA LYS A 139 7.89 -22.49 -26.36
C LYS A 139 8.14 -22.58 -27.89
N LYS A 140 9.34 -22.95 -28.32
CA LYS A 140 9.64 -23.16 -29.77
C LYS A 140 8.97 -24.46 -30.14
N ASP A 141 9.24 -25.46 -29.32
CA ASP A 141 8.69 -26.80 -29.50
C ASP A 141 7.84 -27.18 -28.26
N PRO A 142 6.52 -27.28 -28.44
CA PRO A 142 5.63 -27.53 -27.30
C PRO A 142 5.91 -28.85 -26.55
N ASN A 143 6.73 -29.75 -27.06
CA ASN A 143 6.99 -30.96 -26.27
C ASN A 143 8.31 -30.95 -25.58
N LYS A 144 9.09 -29.89 -25.72
CA LYS A 144 10.34 -29.78 -25.01
C LYS A 144 10.15 -28.88 -23.73
N PRO A 145 11.09 -28.96 -22.79
CA PRO A 145 10.87 -28.28 -21.50
C PRO A 145 11.01 -26.74 -21.60
N LEU A 146 10.73 -26.06 -20.50
CA LEU A 146 10.88 -24.62 -20.48
C LEU A 146 12.30 -24.32 -20.21
N THR A 147 13.05 -24.22 -21.26
CA THR A 147 14.41 -24.02 -21.12
C THR A 147 14.70 -22.89 -22.11
N TYR A 148 15.77 -22.15 -21.89
CA TYR A 148 16.04 -20.96 -22.75
C TYR A 148 16.08 -21.30 -24.25
N GLU A 149 16.77 -22.40 -24.57
CA GLU A 149 16.98 -22.84 -25.96
C GLU A 149 15.67 -23.26 -26.59
N ASN A 150 14.72 -23.68 -25.77
CA ASN A 150 13.39 -23.98 -26.33
C ASN A 150 12.38 -22.82 -26.21
N MET A 151 12.87 -21.57 -26.05
CA MET A 151 11.94 -20.46 -25.82
C MET A 151 12.21 -19.22 -26.62
N ASP A 152 11.21 -18.35 -26.75
CA ASP A 152 11.41 -17.03 -27.36
C ASP A 152 10.45 -16.05 -26.77
N VAL A 153 10.72 -14.77 -27.02
CA VAL A 153 9.82 -13.69 -26.68
C VAL A 153 8.88 -13.41 -27.82
N LEU A 154 7.80 -12.74 -27.55
CA LEU A 154 6.91 -12.42 -28.66
C LEU A 154 7.27 -11.08 -29.30
N PHE A 155 7.83 -10.13 -28.51
CA PHE A 155 8.07 -8.74 -29.01
C PHE A 155 9.34 -8.23 -28.46
N SER A 156 10.13 -7.59 -29.33
CA SER A 156 11.38 -6.89 -29.01
C SER A 156 11.26 -5.45 -29.45
N PHE A 157 12.17 -4.57 -29.04
CA PHE A 157 12.12 -3.19 -29.50
C PHE A 157 13.05 -2.90 -30.70
N ARG A 158 14.33 -3.31 -30.64
CA ARG A 158 15.32 -3.01 -31.67
C ARG A 158 16.16 -4.26 -31.87
N ASP A 159 16.72 -4.44 -33.06
CA ASP A 159 17.64 -5.56 -33.31
C ASP A 159 18.86 -5.37 -32.42
N GLY A 160 19.37 -6.44 -31.83
CA GLY A 160 20.43 -6.31 -30.89
C GLY A 160 20.10 -5.72 -29.50
N ASP A 161 18.84 -5.34 -29.21
CA ASP A 161 18.46 -4.83 -27.82
C ASP A 161 18.60 -5.85 -26.65
N CYS A 162 18.87 -7.14 -26.97
CA CYS A 162 18.95 -8.22 -25.98
C CYS A 162 17.64 -8.42 -25.14
N SER A 163 16.53 -7.98 -25.68
CA SER A 163 15.24 -8.22 -25.06
C SER A 163 14.96 -9.70 -24.86
N LYS A 164 15.32 -10.56 -25.82
CA LYS A 164 15.11 -11.94 -25.60
C LYS A 164 15.85 -12.45 -24.34
N GLY A 165 17.12 -12.09 -24.21
CA GLY A 165 17.94 -12.65 -23.13
C GLY A 165 17.40 -12.02 -21.80
N PHE A 166 17.09 -10.72 -21.83
CA PHE A 166 16.64 -10.05 -20.62
C PHE A 166 15.26 -10.53 -20.11
N PHE A 167 14.26 -10.50 -20.99
CA PHE A 167 12.96 -10.96 -20.64
C PHE A 167 12.92 -12.45 -20.27
N LEU A 168 13.54 -13.28 -21.10
CA LEU A 168 13.50 -14.75 -20.79
C LEU A 168 14.25 -15.17 -19.51
N VAL A 169 15.41 -14.58 -19.27
CA VAL A 169 16.12 -14.94 -18.05
C VAL A 169 15.30 -14.49 -16.83
N SER A 170 14.72 -13.28 -16.89
CA SER A 170 13.82 -12.87 -15.86
C SER A 170 12.69 -13.93 -15.69
N LEU A 171 12.11 -14.35 -16.82
CA LEU A 171 11.03 -15.34 -16.77
C LEU A 171 11.50 -16.67 -16.19
N LEU A 172 12.72 -17.05 -16.49
CA LEU A 172 13.16 -18.37 -16.11
C LEU A 172 13.42 -18.35 -14.58
N VAL A 173 13.87 -17.20 -14.08
CA VAL A 173 13.97 -17.03 -12.61
C VAL A 173 12.61 -17.07 -11.92
N GLU A 174 11.68 -16.32 -12.49
CA GLU A 174 10.33 -16.30 -12.11
C GLU A 174 9.71 -17.73 -12.06
N ILE A 175 9.92 -18.51 -13.11
CA ILE A 175 9.49 -19.89 -13.12
C ILE A 175 10.23 -20.78 -12.06
N ALA A 176 11.54 -20.62 -11.87
CA ALA A 176 12.23 -21.46 -10.85
C ALA A 176 11.63 -21.16 -9.46
N ALA A 177 11.36 -19.90 -9.17
CA ALA A 177 10.78 -19.49 -7.87
C ALA A 177 9.40 -20.05 -7.60
N ALA A 178 8.66 -20.31 -8.66
CA ALA A 178 7.33 -20.94 -8.67
C ALA A 178 7.25 -22.31 -8.08
N SER A 179 8.32 -23.08 -8.23
CA SER A 179 8.35 -24.33 -7.57
C SER A 179 8.13 -24.13 -6.07
N ALA A 180 8.51 -22.97 -5.49
CA ALA A 180 8.41 -22.79 -4.01
C ALA A 180 7.02 -22.32 -3.60
N ILE A 181 6.32 -21.69 -4.55
CA ILE A 181 5.05 -21.06 -4.22
C ILE A 181 3.99 -22.06 -3.86
N LYS A 182 3.95 -23.16 -4.59
CA LYS A 182 3.01 -24.22 -4.27
C LYS A 182 3.24 -24.86 -2.89
N VAL A 183 4.37 -24.60 -2.24
CA VAL A 183 4.60 -25.14 -0.87
C VAL A 183 3.96 -24.24 0.23
N ILE A 184 3.59 -23.02 -0.18
CA ILE A 184 3.11 -22.04 0.80
C ILE A 184 1.90 -22.55 1.61
N PRO A 185 0.89 -23.10 0.95
CA PRO A 185 -0.21 -23.57 1.81
C PRO A 185 0.20 -24.74 2.81
N THR A 186 1.16 -25.57 2.42
CA THR A 186 1.74 -26.58 3.35
C THR A 186 2.31 -25.89 4.57
N VAL A 187 3.06 -24.79 4.37
CA VAL A 187 3.64 -24.06 5.48
C VAL A 187 2.53 -23.61 6.46
N PHE A 188 1.52 -22.92 5.94
CA PHE A 188 0.46 -22.44 6.84
C PHE A 188 -0.39 -23.54 7.49
N LYS A 189 -0.71 -24.58 6.74
CA LYS A 189 -1.42 -25.75 7.29
C LYS A 189 -0.62 -26.35 8.44
N ALA A 190 0.69 -26.57 8.23
CA ALA A 190 1.53 -27.22 9.23
C ALA A 190 1.65 -26.36 10.49
N MET A 191 1.59 -25.03 10.35
CA MET A 191 1.69 -24.17 11.54
C MET A 191 0.41 -24.30 12.33
N GLN A 192 -0.71 -24.26 11.65
CA GLN A 192 -1.97 -24.30 12.33
C GLN A 192 -2.27 -25.69 12.92
N MET A 193 -1.87 -26.75 12.22
CA MET A 193 -2.06 -28.12 12.68
C MET A 193 -0.96 -28.53 13.65
N GLN A 194 0.00 -27.65 13.93
CA GLN A 194 1.13 -28.01 14.80
C GLN A 194 1.87 -29.22 14.27
N GLU A 195 2.13 -29.20 12.97
CA GLU A 195 2.91 -30.28 12.36
C GLU A 195 4.36 -29.83 12.19
N ARG A 196 5.19 -29.97 13.25
CA ARG A 196 6.59 -29.50 13.20
C ARG A 196 7.44 -30.13 12.04
N ASP A 197 7.48 -31.47 11.89
CA ASP A 197 8.28 -32.08 10.78
C ASP A 197 7.81 -31.62 9.36
N THR A 198 6.50 -31.53 9.13
CA THR A 198 5.94 -31.08 7.85
C THR A 198 6.44 -29.63 7.58
N LEU A 199 6.30 -28.74 8.59
CA LEU A 199 6.82 -27.34 8.52
C LEU A 199 8.30 -27.29 8.14
N LEU A 200 9.11 -28.08 8.83
CA LEU A 200 10.53 -28.04 8.58
C LEU A 200 10.80 -28.50 7.11
N LYS A 201 10.13 -29.56 6.68
CA LYS A 201 10.37 -30.06 5.35
C LYS A 201 9.91 -28.99 4.32
N ALA A 202 8.81 -28.32 4.62
CA ALA A 202 8.31 -27.31 3.69
C ALA A 202 9.29 -26.14 3.56
N LEU A 203 9.80 -25.63 4.68
CA LEU A 203 10.81 -24.53 4.64
C LEU A 203 12.08 -24.97 3.89
N LEU A 204 12.53 -26.20 4.14
CA LEU A 204 13.74 -26.67 3.41
C LEU A 204 13.48 -26.72 1.91
N GLU A 205 12.29 -27.13 1.54
CA GLU A 205 11.95 -27.18 0.11
C GLU A 205 11.91 -25.76 -0.51
N ILE A 206 11.30 -24.80 0.18
CA ILE A 206 11.32 -23.39 -0.27
C ILE A 206 12.77 -22.95 -0.44
N ALA A 207 13.65 -23.26 0.50
CA ALA A 207 15.02 -22.81 0.41
C ALA A 207 15.71 -23.39 -0.82
N SER A 208 15.41 -24.66 -1.07
CA SER A 208 15.97 -25.38 -2.19
C SER A 208 15.59 -24.74 -3.54
N CYS A 209 14.33 -24.44 -3.74
CA CYS A 209 13.92 -23.82 -4.97
C CYS A 209 14.53 -22.44 -5.16
N LEU A 210 14.62 -21.68 -4.07
CA LEU A 210 15.13 -20.30 -4.17
C LEU A 210 16.63 -20.39 -4.50
N GLU A 211 17.29 -21.40 -3.91
CA GLU A 211 18.68 -21.69 -4.21
C GLU A 211 18.82 -22.07 -5.70
N LYS A 212 17.88 -22.84 -6.24
CA LYS A 212 17.95 -23.19 -7.67
C LYS A 212 17.79 -21.94 -8.53
N ALA A 213 17.01 -20.98 -8.07
CA ALA A 213 16.70 -19.84 -8.88
C ALA A 213 17.98 -19.05 -9.14
N LEU A 214 18.96 -19.17 -8.23
CA LEU A 214 20.18 -18.44 -8.27
C LEU A 214 21.02 -18.91 -9.46
N GLN A 215 21.10 -20.22 -9.66
CA GLN A 215 21.82 -20.80 -10.81
C GLN A 215 21.18 -20.33 -12.11
N VAL A 216 19.86 -20.31 -12.17
CA VAL A 216 19.19 -19.69 -13.34
C VAL A 216 19.66 -18.27 -13.72
N PHE A 217 19.81 -17.40 -12.73
CA PHE A 217 20.24 -16.03 -12.96
C PHE A 217 21.60 -15.93 -13.69
N HIS A 218 22.50 -16.89 -13.47
CA HIS A 218 23.80 -16.91 -14.17
C HIS A 218 23.72 -16.72 -15.70
N GLN A 219 22.65 -17.19 -16.31
CA GLN A 219 22.38 -17.02 -17.74
C GLN A 219 22.31 -15.60 -18.26
N ILE A 220 22.10 -14.63 -17.35
CA ILE A 220 22.12 -13.28 -17.78
C ILE A 220 23.42 -12.94 -18.53
N HIS A 221 24.55 -13.47 -18.07
CA HIS A 221 25.84 -13.13 -18.67
C HIS A 221 25.96 -13.70 -20.10
N ASP A 222 25.28 -14.83 -20.37
CA ASP A 222 25.29 -15.46 -21.72
C ASP A 222 24.46 -14.73 -22.72
N HIS A 223 23.40 -14.03 -22.29
CA HIS A 223 22.41 -13.62 -23.29
C HIS A 223 22.19 -12.15 -23.37
N VAL A 224 22.83 -11.40 -22.45
CA VAL A 224 22.62 -9.98 -22.39
C VAL A 224 24.00 -9.36 -22.42
N ASN A 225 24.18 -8.36 -23.26
CA ASN A 225 25.45 -7.68 -23.30
C ASN A 225 25.31 -6.30 -22.65
N PRO A 226 26.30 -5.90 -21.80
CA PRO A 226 26.16 -4.65 -21.02
C PRO A 226 25.87 -3.41 -21.83
N LYS A 227 26.59 -3.25 -22.93
CA LYS A 227 26.37 -2.03 -23.75
C LYS A 227 24.96 -1.94 -24.35
N ALA A 228 24.50 -3.02 -24.96
CA ALA A 228 23.15 -3.01 -25.56
C ALA A 228 22.12 -2.83 -24.47
N PHE A 229 22.32 -3.53 -23.32
CA PHE A 229 21.37 -3.37 -22.21
C PHE A 229 21.29 -1.91 -21.78
N PHE A 230 22.45 -1.33 -21.46
CA PHE A 230 22.50 0.01 -20.86
C PHE A 230 22.02 1.10 -21.80
N SER A 231 22.47 1.01 -23.04
CA SER A 231 22.22 2.16 -23.96
C SER A 231 20.90 2.02 -24.78
N VAL A 232 20.36 0.79 -24.87
CA VAL A 232 19.12 0.57 -25.67
C VAL A 232 17.95 0.02 -24.82
N LEU A 233 18.08 -1.17 -24.30
CA LEU A 233 16.91 -1.79 -23.64
C LEU A 233 16.41 -0.97 -22.44
N ARG A 234 17.33 -0.50 -21.60
CA ARG A 234 17.01 0.34 -20.46
C ARG A 234 16.23 1.56 -20.88
N ILE A 235 16.51 2.10 -22.09
CA ILE A 235 15.86 3.30 -22.54
C ILE A 235 14.37 2.94 -22.85
N TYR A 236 14.16 1.84 -23.55
CA TYR A 236 12.78 1.51 -23.97
C TYR A 236 11.87 1.08 -22.79
N LEU A 237 12.44 0.50 -21.74
CA LEU A 237 11.68 0.12 -20.54
C LEU A 237 11.45 1.27 -19.56
N SER A 238 12.04 2.46 -19.81
CA SER A 238 11.87 3.65 -18.90
C SER A 238 10.45 4.22 -18.93
N GLY A 239 9.97 4.74 -17.80
CA GLY A 239 8.64 5.28 -17.74
C GLY A 239 8.66 6.81 -17.59
N TRP A 240 7.57 7.35 -17.06
CA TRP A 240 7.45 8.79 -17.04
C TRP A 240 6.96 9.12 -15.65
N LYS A 241 7.74 8.71 -14.65
CA LYS A 241 7.43 9.12 -13.28
C LYS A 241 8.72 9.51 -12.68
N GLY A 242 8.78 10.72 -12.16
CA GLY A 242 10.03 11.29 -11.68
C GLY A 242 11.07 11.34 -12.78
N ASN A 243 10.66 11.44 -14.05
CA ASN A 243 11.58 11.36 -15.19
C ASN A 243 11.72 12.76 -15.78
N PRO A 244 12.96 13.32 -15.76
CA PRO A 244 13.13 14.72 -16.25
C PRO A 244 12.79 14.89 -17.74
N GLN A 245 12.95 13.83 -18.55
CA GLN A 245 12.59 13.92 -19.99
C GLN A 245 11.07 14.09 -20.22
N LEU A 246 10.25 13.75 -19.22
CA LEU A 246 8.78 13.89 -19.29
C LEU A 246 8.29 14.26 -17.91
N SER A 247 8.70 15.44 -17.43
CA SER A 247 8.62 15.72 -15.97
C SER A 247 7.21 15.83 -15.42
N ASP A 248 6.22 16.00 -16.29
CA ASP A 248 4.81 15.99 -15.81
C ASP A 248 4.08 14.70 -16.18
N GLY A 249 4.82 13.76 -16.76
CA GLY A 249 4.24 12.52 -17.27
C GLY A 249 3.75 12.66 -18.72
N LEU A 250 2.88 11.75 -19.15
CA LEU A 250 2.47 11.60 -20.56
C LEU A 250 1.04 11.97 -20.70
N VAL A 251 0.71 12.61 -21.81
CA VAL A 251 -0.71 12.89 -22.13
C VAL A 251 -1.31 11.70 -22.85
N TYR A 252 -2.33 11.13 -22.26
CA TYR A 252 -3.05 10.05 -22.91
C TYR A 252 -4.24 10.72 -23.62
N GLU A 253 -4.01 11.16 -24.86
CA GLU A 253 -5.00 12.02 -25.55
C GLU A 253 -6.38 11.40 -25.61
N GLY A 254 -7.38 12.15 -25.15
CA GLY A 254 -8.75 11.73 -25.28
C GLY A 254 -9.18 10.89 -24.11
N PHE A 255 -8.24 10.53 -23.22
CA PHE A 255 -8.66 9.74 -22.05
C PHE A 255 -8.58 10.54 -20.76
N TRP A 256 -7.45 11.16 -20.50
CA TRP A 256 -7.35 12.13 -19.42
C TRP A 256 -6.87 13.40 -20.09
N GLU A 257 -7.38 14.47 -19.53
CA GLU A 257 -7.07 15.84 -19.82
C GLU A 257 -5.57 16.17 -19.48
N ASP A 258 -5.17 15.84 -18.26
CA ASP A 258 -3.84 16.17 -17.75
C ASP A 258 -2.91 14.97 -17.94
N PRO A 259 -1.63 15.26 -18.17
CA PRO A 259 -0.54 14.28 -18.28
C PRO A 259 -0.51 13.44 -17.00
N LYS A 260 -0.28 12.14 -17.14
CA LYS A 260 -0.13 11.24 -15.97
C LYS A 260 1.28 10.60 -15.90
N GLU A 261 1.74 10.42 -14.67
CA GLU A 261 3.04 9.78 -14.38
C GLU A 261 2.83 8.31 -14.03
N PHE A 262 3.56 7.42 -14.69
CA PHE A 262 3.61 6.01 -14.31
C PHE A 262 5.07 5.57 -14.39
N GLY A 263 5.49 4.70 -13.49
CA GLY A 263 6.89 4.21 -13.51
C GLY A 263 7.05 3.17 -14.62
N GLY A 264 8.29 2.96 -15.06
CA GLY A 264 8.51 2.01 -16.17
C GLY A 264 8.64 0.59 -15.68
N GLY A 265 8.83 -0.36 -16.61
CA GLY A 265 8.83 -1.83 -16.27
C GLY A 265 9.92 -2.11 -15.26
N SER A 266 9.62 -2.95 -14.27
CA SER A 266 10.53 -3.12 -13.13
C SER A 266 10.26 -4.50 -12.52
N ALA A 267 11.31 -5.24 -12.24
CA ALA A 267 11.12 -6.47 -11.44
C ALA A 267 10.78 -6.16 -9.96
N GLY A 268 10.80 -4.90 -9.55
CA GLY A 268 10.10 -4.54 -8.30
C GLY A 268 8.60 -4.91 -8.41
N GLN A 269 8.14 -5.09 -9.65
CA GLN A 269 6.76 -5.53 -9.96
C GLN A 269 6.59 -7.07 -9.91
N SER A 270 7.67 -7.85 -9.78
CA SER A 270 7.55 -9.29 -9.68
C SER A 270 6.86 -9.69 -8.36
N SER A 271 5.80 -10.48 -8.43
CA SER A 271 5.14 -10.97 -7.23
C SER A 271 5.93 -12.05 -6.51
N VAL A 272 6.90 -12.67 -7.19
CA VAL A 272 7.76 -13.75 -6.64
C VAL A 272 8.56 -13.29 -5.45
N PHE A 273 9.35 -12.23 -5.64
CA PHE A 273 10.18 -11.80 -4.58
C PHE A 273 9.41 -11.13 -3.49
N GLN A 274 8.36 -10.40 -3.87
CA GLN A 274 7.58 -9.68 -2.86
C GLN A 274 6.88 -10.77 -2.01
N CYS A 275 6.49 -11.86 -2.66
CA CYS A 275 5.74 -12.89 -1.91
C CYS A 275 6.58 -13.65 -0.87
N PHE A 276 7.82 -13.99 -1.22
CA PHE A 276 8.71 -14.55 -0.20
C PHE A 276 9.13 -13.60 0.90
N ASP A 277 9.34 -12.28 0.65
CA ASP A 277 9.62 -11.36 1.72
C ASP A 277 8.42 -11.38 2.71
N VAL A 278 7.20 -11.40 2.15
CA VAL A 278 5.97 -11.32 3.00
C VAL A 278 5.91 -12.64 3.75
N LEU A 279 6.01 -13.76 3.04
CA LEU A 279 6.04 -15.10 3.70
C LEU A 279 6.94 -15.15 4.90
N LEU A 280 8.16 -14.69 4.70
CA LEU A 280 9.14 -14.85 5.72
C LEU A 280 9.18 -13.68 6.73
N GLY A 281 8.28 -12.71 6.60
CA GLY A 281 8.29 -11.64 7.64
C GLY A 281 9.40 -10.65 7.45
N ILE A 282 9.95 -10.54 6.22
CA ILE A 282 11.03 -9.64 5.95
C ILE A 282 10.27 -8.35 5.69
N GLN A 283 10.51 -7.30 6.41
CA GLN A 283 9.33 -6.34 6.31
C GLN A 283 9.76 -5.32 5.25
N GLN A 284 9.78 -5.76 3.99
CA GLN A 284 10.41 -4.93 2.93
C GLN A 284 9.59 -3.67 2.71
N THR A 285 8.27 -3.74 2.96
CA THR A 285 7.42 -2.58 2.65
C THR A 285 7.06 -1.77 3.95
N ALA A 286 7.64 -2.11 5.09
CA ALA A 286 7.42 -1.35 6.33
C ALA A 286 8.11 0.02 6.31
N GLY A 287 7.46 0.98 6.98
CA GLY A 287 8.06 2.30 7.25
C GLY A 287 7.84 3.27 6.09
N GLY A 288 8.47 4.41 6.17
CA GLY A 288 8.19 5.46 5.20
C GLY A 288 9.36 5.69 4.28
N GLY A 289 10.40 4.83 4.33
CA GLY A 289 11.57 5.08 3.50
C GLY A 289 11.24 4.84 2.04
N HIS A 290 12.13 5.31 1.20
CA HIS A 290 12.00 5.28 -0.24
C HIS A 290 11.88 3.87 -0.81
N ALA A 291 12.72 2.93 -0.37
CA ALA A 291 12.67 1.54 -0.84
C ALA A 291 11.33 0.90 -0.58
N ALA A 292 10.87 1.03 0.67
CA ALA A 292 9.62 0.46 1.10
C ALA A 292 8.46 1.06 0.27
N GLN A 293 8.46 2.37 0.08
CA GLN A 293 7.35 2.90 -0.68
C GLN A 293 7.38 2.51 -2.15
N PHE A 294 8.58 2.43 -2.73
CA PHE A 294 8.65 2.05 -4.13
C PHE A 294 8.06 0.64 -4.28
N LEU A 295 8.48 -0.29 -3.45
CA LEU A 295 8.00 -1.71 -3.65
C LEU A 295 6.53 -1.81 -3.32
N GLN A 296 6.09 -1.05 -2.30
CA GLN A 296 4.62 -0.94 -2.05
C GLN A 296 3.90 -0.39 -3.32
N ASP A 297 4.42 0.68 -3.88
CA ASP A 297 3.77 1.27 -5.09
C ASP A 297 3.71 0.27 -6.29
N MET A 298 4.75 -0.57 -6.42
CA MET A 298 4.83 -1.51 -7.55
C MET A 298 3.75 -2.57 -7.54
N ARG A 299 3.12 -2.76 -6.37
CA ARG A 299 1.99 -3.74 -6.27
C ARG A 299 0.85 -3.27 -7.11
N ARG A 300 0.76 -1.96 -7.32
CA ARG A 300 -0.27 -1.38 -8.20
C ARG A 300 0.01 -1.76 -9.67
N TYR A 301 1.19 -2.24 -9.96
CA TYR A 301 1.56 -2.54 -11.36
C TYR A 301 1.48 -4.06 -11.61
N MET A 302 0.98 -4.80 -10.61
CA MET A 302 0.84 -6.26 -10.71
C MET A 302 -0.60 -6.57 -11.03
N PRO A 303 -0.86 -7.69 -11.75
CA PRO A 303 -2.23 -8.08 -12.06
C PRO A 303 -3.01 -8.16 -10.71
N PRO A 304 -4.28 -7.70 -10.71
CA PRO A 304 -5.06 -7.68 -9.43
C PRO A 304 -5.08 -9.03 -8.70
N ALA A 305 -5.18 -10.12 -9.42
CA ALA A 305 -5.16 -11.44 -8.73
C ALA A 305 -3.86 -11.70 -7.98
N HIS A 306 -2.76 -11.15 -8.49
CA HIS A 306 -1.47 -11.38 -7.79
C HIS A 306 -1.31 -10.40 -6.62
N ARG A 307 -1.79 -9.17 -6.75
CA ARG A 307 -1.76 -8.29 -5.58
C ARG A 307 -2.71 -8.80 -4.45
N ASN A 308 -3.87 -9.31 -4.83
CA ASN A 308 -4.77 -10.08 -3.91
C ASN A 308 -4.05 -11.24 -3.19
N PHE A 309 -3.22 -11.99 -3.92
CA PHE A 309 -2.45 -13.08 -3.32
C PHE A 309 -1.55 -12.47 -2.27
N LEU A 310 -0.81 -11.40 -2.62
CA LEU A 310 0.12 -10.83 -1.59
C LEU A 310 -0.62 -10.30 -0.35
N CYS A 311 -1.73 -9.60 -0.57
CA CYS A 311 -2.54 -9.11 0.55
C CYS A 311 -2.99 -10.29 1.44
N SER A 312 -3.37 -11.42 0.83
CA SER A 312 -3.79 -12.55 1.65
C SER A 312 -2.65 -13.18 2.40
N LEU A 313 -1.46 -13.21 1.81
CA LEU A 313 -0.27 -13.63 2.60
C LEU A 313 -0.02 -12.76 3.79
N GLU A 314 -0.18 -11.43 3.66
CA GLU A 314 0.10 -10.50 4.77
C GLU A 314 -0.81 -10.82 5.96
N SER A 315 -2.02 -11.27 5.65
CA SER A 315 -3.10 -11.47 6.65
C SER A 315 -2.99 -12.83 7.39
N ASN A 316 -2.05 -13.67 7.03
CA ASN A 316 -1.85 -14.98 7.74
C ASN A 316 -0.97 -14.88 8.94
N PRO A 317 -1.05 -15.89 9.88
CA PRO A 317 -0.14 -15.89 11.01
C PRO A 317 1.32 -15.83 10.52
N SER A 318 2.21 -15.29 11.34
CA SER A 318 3.56 -15.02 10.96
C SER A 318 4.42 -16.27 11.11
N VAL A 319 5.00 -16.72 10.00
CA VAL A 319 5.97 -17.87 10.02
C VAL A 319 7.17 -17.61 10.87
N ARG A 320 7.71 -16.40 10.74
CA ARG A 320 8.89 -16.00 11.49
C ARG A 320 8.59 -16.07 13.03
N GLU A 321 7.40 -15.61 13.41
CA GLU A 321 7.06 -15.59 14.90
C GLU A 321 6.89 -17.02 15.38
N PHE A 322 6.21 -17.83 14.57
CA PHE A 322 6.07 -19.27 14.88
C PHE A 322 7.43 -19.91 15.12
N VAL A 323 8.38 -19.71 14.19
CA VAL A 323 9.65 -20.34 14.30
C VAL A 323 10.46 -19.78 15.46
N LEU A 324 10.41 -18.48 15.68
CA LEU A 324 11.19 -17.90 16.76
C LEU A 324 10.73 -18.37 18.16
N SER A 325 9.48 -18.79 18.30
CA SER A 325 8.98 -19.16 19.59
C SER A 325 9.09 -20.66 19.93
N LYS A 326 9.67 -21.49 19.05
CA LYS A 326 9.71 -22.96 19.32
C LYS A 326 10.98 -23.52 20.00
N GLY A 327 12.05 -22.71 20.13
CA GLY A 327 13.32 -23.19 20.68
C GLY A 327 13.79 -24.46 19.89
N ASP A 328 13.67 -24.40 18.56
CA ASP A 328 13.85 -25.55 17.70
C ASP A 328 14.89 -25.16 16.66
N ALA A 329 16.14 -25.59 16.88
CA ALA A 329 17.26 -25.29 15.99
C ALA A 329 17.03 -25.73 14.54
N GLY A 330 16.41 -26.90 14.34
CA GLY A 330 16.11 -27.39 12.99
C GLY A 330 15.22 -26.40 12.25
N LEU A 331 14.15 -25.94 12.93
CA LEU A 331 13.19 -25.03 12.33
C LEU A 331 13.85 -23.68 12.04
N ARG A 332 14.68 -23.20 12.99
CA ARG A 332 15.41 -21.91 12.83
C ARG A 332 16.34 -21.92 11.63
N GLU A 333 17.01 -23.06 11.47
CA GLU A 333 18.00 -23.23 10.40
C GLU A 333 17.31 -23.33 9.03
N ALA A 334 16.23 -24.11 8.94
CA ALA A 334 15.38 -24.05 7.76
C ALA A 334 14.80 -22.69 7.37
N TYR A 335 14.29 -21.97 8.34
CA TYR A 335 13.83 -20.61 8.13
C TYR A 335 14.99 -19.74 7.59
N ASP A 336 16.14 -19.78 8.24
CA ASP A 336 17.34 -19.03 7.88
C ASP A 336 17.86 -19.40 6.47
N ALA A 337 17.78 -20.67 6.09
CA ALA A 337 18.15 -21.11 4.73
C ALA A 337 17.28 -20.37 3.67
N CYS A 338 15.97 -20.18 3.95
CA CYS A 338 15.06 -19.40 3.07
C CYS A 338 15.54 -17.93 2.93
N VAL A 339 15.78 -17.29 4.08
CA VAL A 339 16.28 -15.90 4.13
C VAL A 339 17.62 -15.77 3.44
N LYS A 340 18.52 -16.72 3.69
CA LYS A 340 19.83 -16.68 3.11
C LYS A 340 19.79 -16.77 1.58
N ALA A 341 18.91 -17.62 1.10
CA ALA A 341 18.67 -17.81 -0.32
C ALA A 341 18.28 -16.46 -0.97
N LEU A 342 17.37 -15.69 -0.32
CA LEU A 342 17.01 -14.37 -0.84
C LEU A 342 18.20 -13.38 -0.80
N VAL A 343 18.99 -13.42 0.30
CA VAL A 343 20.17 -12.62 0.35
C VAL A 343 21.12 -12.98 -0.79
N SER A 344 21.34 -14.29 -1.06
CA SER A 344 22.32 -14.70 -2.13
C SER A 344 21.81 -14.25 -3.47
N LEU A 345 20.49 -14.37 -3.71
CA LEU A 345 19.94 -13.84 -4.93
C LEU A 345 20.19 -12.32 -5.02
N ARG A 346 19.88 -11.59 -3.96
CA ARG A 346 20.06 -10.14 -4.04
C ARG A 346 21.53 -9.67 -4.15
N SER A 347 22.44 -10.39 -3.52
CA SER A 347 23.88 -10.10 -3.68
C SER A 347 24.33 -10.36 -5.13
N TYR A 348 23.91 -11.47 -5.69
CA TYR A 348 24.28 -11.74 -7.06
C TYR A 348 23.73 -10.65 -8.02
N HIS A 349 22.49 -10.27 -7.75
CA HIS A 349 21.79 -9.23 -8.56
C HIS A 349 22.56 -7.89 -8.49
N LEU A 350 23.03 -7.53 -7.28
CA LEU A 350 23.86 -6.32 -7.11
C LEU A 350 25.12 -6.37 -7.98
N GLN A 351 25.77 -7.54 -8.04
CA GLN A 351 26.94 -7.72 -8.91
C GLN A 351 26.59 -7.57 -10.38
N ILE A 352 25.45 -8.13 -10.81
CA ILE A 352 24.89 -7.80 -12.12
C ILE A 352 24.70 -6.33 -12.41
N VAL A 353 24.16 -5.60 -11.44
CA VAL A 353 23.86 -4.17 -11.65
C VAL A 353 25.22 -3.42 -11.86
N THR A 354 26.26 -3.77 -11.10
CA THR A 354 27.57 -3.14 -11.29
C THR A 354 28.07 -3.36 -12.76
N LYS A 355 27.98 -4.60 -13.25
CA LYS A 355 28.34 -4.91 -14.62
C LYS A 355 27.45 -4.29 -15.69
N TYR A 356 26.13 -4.26 -15.48
CA TYR A 356 25.23 -3.89 -16.55
C TYR A 356 24.84 -2.41 -16.51
N ILE A 357 25.02 -1.79 -15.37
CA ILE A 357 24.66 -0.39 -15.33
C ILE A 357 25.83 0.47 -14.87
N LEU A 358 26.47 0.13 -13.73
CA LEU A 358 27.48 1.07 -13.24
C LEU A 358 28.69 1.24 -14.21
N ILE A 359 29.25 0.14 -14.68
CA ILE A 359 30.39 0.15 -15.61
C ILE A 359 30.01 0.77 -16.97
N PRO A 360 28.90 0.29 -17.61
CA PRO A 360 28.56 1.06 -18.83
C PRO A 360 28.33 2.55 -18.61
N ALA A 361 27.66 2.97 -17.52
CA ALA A 361 27.43 4.38 -17.38
C ALA A 361 28.77 5.16 -17.23
N SER A 362 29.80 4.50 -16.71
CA SER A 362 31.09 5.15 -16.52
C SER A 362 31.80 5.32 -17.87
N GLN A 363 31.41 4.55 -18.90
CA GLN A 363 32.15 4.45 -20.13
C GLN A 363 31.53 5.28 -21.25
N GLN A 364 30.42 5.94 -20.99
CA GLN A 364 29.72 6.75 -21.99
C GLN A 364 30.23 8.20 -21.98
N PRO A 365 30.45 8.79 -23.19
CA PRO A 365 31.03 10.17 -23.31
C PRO A 365 30.01 11.30 -23.18
N GLY A 383 23.09 8.98 -8.98
CA GLY A 383 22.35 8.35 -10.11
C GLY A 383 22.47 6.83 -9.94
N GLY A 384 23.71 6.35 -10.08
CA GLY A 384 24.11 4.96 -9.85
C GLY A 384 24.10 4.62 -8.36
N THR A 385 24.55 5.57 -7.54
CA THR A 385 24.55 5.46 -6.08
C THR A 385 23.12 5.36 -5.47
N ASP A 386 22.15 6.09 -6.00
CA ASP A 386 20.78 5.95 -5.52
C ASP A 386 20.17 4.60 -5.90
N LEU A 387 20.51 4.10 -7.07
CA LEU A 387 20.14 2.76 -7.48
C LEU A 387 20.76 1.70 -6.55
N MET A 388 22.08 1.79 -6.32
CA MET A 388 22.76 0.78 -5.54
C MET A 388 22.31 0.86 -4.08
N ASN A 389 21.97 2.06 -3.60
CA ASN A 389 21.53 2.26 -2.23
C ASN A 389 20.11 1.73 -2.01
N PHE A 390 19.21 1.93 -2.99
CA PHE A 390 17.92 1.20 -2.99
C PHE A 390 18.14 -0.33 -2.87
N LEU A 391 18.95 -0.89 -3.76
CA LEU A 391 19.14 -2.37 -3.77
C LEU A 391 19.79 -2.92 -2.48
N LYS A 392 20.77 -2.17 -1.99
CA LYS A 392 21.43 -2.49 -0.72
C LYS A 392 20.52 -2.31 0.48
N THR A 393 19.53 -1.41 0.40
CA THR A 393 18.59 -1.33 1.50
C THR A 393 17.72 -2.60 1.56
N VAL A 394 17.20 -2.97 0.41
CA VAL A 394 16.42 -4.20 0.32
C VAL A 394 17.28 -5.42 0.71
N ARG A 395 18.54 -5.49 0.26
CA ARG A 395 19.33 -6.70 0.66
C ARG A 395 19.57 -6.66 2.21
N SER A 396 19.93 -5.48 2.73
CA SER A 396 20.17 -5.36 4.17
C SER A 396 18.94 -5.73 5.08
N THR A 397 17.73 -5.27 4.69
CA THR A 397 16.45 -5.66 5.31
C THR A 397 16.26 -7.18 5.25
N THR A 398 16.70 -7.82 4.17
CA THR A 398 16.58 -9.25 4.10
C THR A 398 17.53 -9.87 5.12
N GLU A 399 18.79 -9.39 5.11
CA GLU A 399 19.84 -9.91 6.03
C GLU A 399 19.46 -9.76 7.49
N LYS A 400 18.89 -8.62 7.86
CA LYS A 400 18.41 -8.32 9.20
C LYS A 400 17.34 -9.34 9.71
N SER A 401 16.68 -10.05 8.82
CA SER A 401 15.74 -11.06 9.26
C SER A 401 16.35 -12.41 9.71
N LEU A 402 17.63 -12.64 9.47
CA LEU A 402 18.25 -13.92 9.90
C LEU A 402 18.10 -14.08 11.42
N LEU A 403 17.71 -15.26 11.87
CA LEU A 403 17.52 -15.51 13.31
C LEU A 403 18.92 -15.68 13.93
N LYS A 404 19.77 -16.53 13.32
CA LYS A 404 21.21 -16.59 13.69
C LYS A 404 21.95 -15.65 12.73
N GLU A 405 23.13 -15.13 13.09
CA GLU A 405 24.02 -14.48 12.10
C GLU A 405 24.44 -15.49 10.98
N GLY A 406 23.70 -15.50 9.87
CA GLY A 406 23.86 -16.52 8.79
C GLY A 406 24.53 -16.03 7.49
N ILE B 14 -14.80 -12.64 9.03
CA ILE B 14 -13.78 -11.67 9.60
C ILE B 14 -12.79 -12.42 10.51
N SER B 15 -11.65 -12.83 9.95
CA SER B 15 -10.56 -13.52 10.69
C SER B 15 -10.04 -12.67 11.87
N LYS B 16 -9.65 -13.36 12.94
CA LYS B 16 -9.11 -12.72 14.13
C LYS B 16 -7.82 -12.03 13.77
N GLU B 17 -7.16 -12.47 12.71
CA GLU B 17 -5.95 -11.75 12.27
C GLU B 17 -6.22 -10.27 11.96
N TYR B 18 -7.48 -9.87 11.73
CA TYR B 18 -7.84 -8.46 11.39
C TYR B 18 -8.08 -7.53 12.62
N HIS B 19 -8.12 -8.10 13.83
CA HIS B 19 -8.33 -7.32 15.08
C HIS B 19 -9.52 -6.40 14.98
N ILE B 20 -10.65 -6.97 14.61
CA ILE B 20 -11.83 -6.17 14.57
C ILE B 20 -12.71 -6.73 15.67
N ASP B 21 -13.26 -5.86 16.52
CA ASP B 21 -14.03 -6.24 17.67
C ASP B 21 -15.50 -6.19 17.32
N GLU B 22 -16.25 -7.15 17.84
CA GLU B 22 -17.67 -7.25 17.57
C GLU B 22 -18.45 -5.97 17.89
N GLU B 23 -18.17 -5.40 19.05
CA GLU B 23 -18.90 -4.24 19.53
C GLU B 23 -18.24 -2.90 19.08
N VAL B 24 -16.91 -2.78 19.15
CA VAL B 24 -16.28 -1.44 18.92
C VAL B 24 -15.49 -1.37 17.62
N GLY B 25 -15.54 -2.41 16.82
CA GLY B 25 -14.94 -2.44 15.51
C GLY B 25 -13.44 -2.24 15.46
N PHE B 26 -13.00 -1.15 14.85
CA PHE B 26 -11.55 -0.91 14.78
C PHE B 26 -10.98 -0.37 16.10
N ALA B 27 -11.81 0.14 16.98
CA ALA B 27 -11.27 0.64 18.27
C ALA B 27 -10.74 -0.54 19.06
N LEU B 28 -9.82 -0.24 19.97
CA LEU B 28 -9.21 -1.24 20.80
C LEU B 28 -10.23 -1.48 21.93
N PRO B 29 -10.74 -2.75 22.12
CA PRO B 29 -11.73 -2.94 23.23
C PRO B 29 -11.02 -2.80 24.58
N ASN B 30 -11.73 -2.19 25.53
CA ASN B 30 -11.24 -1.99 26.89
CA ASN B 30 -11.22 -2.00 26.90
C ASN B 30 -9.73 -1.71 26.98
N PRO B 31 -9.32 -0.50 26.59
CA PRO B 31 -7.90 -0.17 26.55
C PRO B 31 -7.19 -0.24 27.93
N GLN B 32 -5.92 -0.64 27.99
CA GLN B 32 -5.24 -0.62 29.28
C GLN B 32 -5.06 0.85 29.73
N GLU B 33 -5.15 1.13 31.03
CA GLU B 33 -4.86 2.45 31.64
C GLU B 33 -3.54 2.59 32.39
N ASN B 34 -2.96 1.49 32.90
CA ASN B 34 -1.66 1.54 33.63
C ASN B 34 -0.66 0.65 32.97
N LEU B 35 0.58 1.10 33.00
CA LEU B 35 1.73 0.35 32.57
C LEU B 35 2.36 -0.32 33.83
N PRO B 36 3.18 -1.34 33.62
CA PRO B 36 4.05 -1.84 34.70
C PRO B 36 4.77 -0.69 35.43
N ASP B 37 5.03 -0.87 36.73
CA ASP B 37 5.70 0.17 37.56
C ASP B 37 7.00 0.62 36.98
N PHE B 38 7.64 -0.26 36.22
CA PHE B 38 8.90 0.06 35.55
C PHE B 38 8.83 1.35 34.71
N TYR B 39 7.62 1.65 34.17
CA TYR B 39 7.41 2.81 33.31
C TYR B 39 6.75 4.03 34.01
N ASN B 40 6.60 3.95 35.35
CA ASN B 40 6.21 5.13 36.18
C ASN B 40 6.66 6.49 35.70
N ASP B 41 7.93 6.64 35.33
CA ASP B 41 8.38 7.95 34.89
C ASP B 41 7.78 8.40 33.59
N TRP B 42 7.51 7.46 32.68
CA TRP B 42 6.77 7.86 31.47
C TRP B 42 5.33 8.25 31.86
N MET B 43 4.68 7.42 32.69
CA MET B 43 3.27 7.62 32.98
C MET B 43 3.10 8.96 33.71
N PHE B 44 4.02 9.30 34.61
CA PHE B 44 3.87 10.57 35.36
C PHE B 44 3.83 11.72 34.37
N ILE B 45 4.75 11.72 33.41
CA ILE B 45 4.79 12.79 32.44
C ILE B 45 3.52 12.88 31.61
N ALA B 46 3.06 11.76 31.11
CA ALA B 46 1.92 11.79 30.19
C ALA B 46 0.64 12.18 30.92
N LYS B 47 0.48 11.68 32.15
CA LYS B 47 -0.66 12.00 32.99
C LYS B 47 -0.69 13.50 33.43
N HIS B 48 0.44 14.19 33.32
CA HIS B 48 0.56 15.59 33.81
C HIS B 48 1.02 16.53 32.77
N LEU B 49 0.68 16.21 31.52
CA LEU B 49 1.07 17.09 30.44
C LEU B 49 0.54 18.50 30.61
N PRO B 50 -0.78 18.68 30.88
CA PRO B 50 -1.29 20.10 31.08
C PRO B 50 -0.42 20.83 32.16
N ASP B 51 -0.23 20.24 33.30
CA ASP B 51 0.58 20.92 34.32
C ASP B 51 2.04 21.16 33.98
N LEU B 52 2.69 20.11 33.47
CA LEU B 52 4.15 20.18 33.12
C LEU B 52 4.33 21.17 32.02
N ILE B 53 3.42 21.19 31.02
CA ILE B 53 3.60 22.20 29.97
C ILE B 53 3.32 23.63 30.52
N GLU B 54 2.23 23.81 31.25
CA GLU B 54 1.90 25.21 31.71
C GLU B 54 3.02 25.78 32.60
N SER B 55 3.66 24.92 33.40
CA SER B 55 4.81 25.37 34.18
C SER B 55 6.17 25.35 33.48
N GLY B 56 6.24 25.04 32.18
CA GLY B 56 7.55 24.93 31.51
C GLY B 56 8.49 23.89 32.09
N GLN B 57 7.96 22.80 32.64
CA GLN B 57 8.79 21.76 33.18
C GLN B 57 8.73 20.49 32.29
N LEU B 58 7.87 20.48 31.28
CA LEU B 58 7.71 19.27 30.39
C LEU B 58 9.06 18.84 29.72
N ARG B 59 9.71 19.77 29.02
CA ARG B 59 10.94 19.43 28.33
C ARG B 59 12.01 18.94 29.32
N GLU B 60 12.14 19.65 30.45
CA GLU B 60 13.16 19.25 31.39
C GLU B 60 12.82 17.87 31.90
N ARG B 61 11.54 17.57 32.17
CA ARG B 61 11.26 16.19 32.64
C ARG B 61 11.62 15.10 31.60
N VAL B 62 11.30 15.36 30.34
CA VAL B 62 11.62 14.43 29.27
C VAL B 62 13.18 14.31 29.16
N GLU B 63 13.90 15.43 29.11
CA GLU B 63 15.38 15.38 29.10
C GLU B 63 16.03 14.63 30.27
N LYS B 64 15.31 14.46 31.40
CA LYS B 64 15.80 13.71 32.54
C LYS B 64 15.50 12.25 32.53
N LEU B 65 14.55 11.77 31.70
CA LEU B 65 14.29 10.35 31.66
C LEU B 65 15.60 9.58 31.40
N ASN B 66 15.77 8.45 32.06
CA ASN B 66 16.68 7.36 31.62
C ASN B 66 16.05 6.66 30.43
N MET B 67 16.87 5.93 29.68
CA MET B 67 16.33 5.08 28.61
C MET B 67 15.72 3.86 29.19
N LEU B 68 14.43 3.65 28.97
CA LEU B 68 13.77 2.45 29.46
C LEU B 68 13.58 1.46 28.31
N SER B 69 13.85 0.18 28.62
CA SER B 69 13.71 -0.83 27.61
C SER B 69 12.21 -1.08 27.39
N ILE B 70 11.83 -1.40 26.16
CA ILE B 70 10.42 -1.76 25.87
C ILE B 70 10.10 -3.20 26.17
N ASP B 71 11.12 -4.00 26.55
CA ASP B 71 10.92 -5.46 26.79
C ASP B 71 9.89 -5.82 27.85
N HIS B 72 9.63 -4.93 28.79
CA HIS B 72 8.66 -5.28 29.84
C HIS B 72 7.24 -4.91 29.41
N LEU B 73 7.08 -4.49 28.15
CA LEU B 73 5.74 -4.34 27.56
C LEU B 73 5.36 -5.66 26.85
N THR B 74 4.61 -6.53 27.50
CA THR B 74 4.54 -7.96 27.13
C THR B 74 3.30 -8.41 26.37
N ASP B 75 2.33 -7.53 26.16
CA ASP B 75 1.19 -7.87 25.32
C ASP B 75 0.71 -6.63 24.54
N HIS B 76 -0.21 -6.87 23.62
CA HIS B 76 -0.64 -5.85 22.69
C HIS B 76 -1.21 -4.60 23.42
N LYS B 77 -2.04 -4.78 24.42
CA LYS B 77 -2.63 -3.60 25.07
C LYS B 77 -1.61 -2.75 25.78
N SER B 78 -0.57 -3.37 26.38
CA SER B 78 0.36 -2.59 27.14
C SER B 78 1.25 -1.83 26.14
N GLN B 79 1.49 -2.45 24.97
CA GLN B 79 2.31 -1.80 23.96
C GLN B 79 1.50 -0.64 23.36
N ARG B 80 0.18 -0.82 23.25
CA ARG B 80 -0.61 0.26 22.61
C ARG B 80 -0.75 1.45 23.60
N LEU B 81 -0.92 1.12 24.88
CA LEU B 81 -0.95 2.14 25.91
C LEU B 81 0.37 2.89 25.89
N ALA B 82 1.50 2.13 25.83
CA ALA B 82 2.84 2.78 25.78
C ALA B 82 3.01 3.68 24.58
N ARG B 83 2.51 3.25 23.43
CA ARG B 83 2.58 4.13 22.24
C ARG B 83 1.79 5.42 22.42
N LEU B 84 0.60 5.28 23.05
CA LEU B 84 -0.27 6.46 23.31
C LEU B 84 0.48 7.44 24.28
N VAL B 85 1.14 6.88 25.28
CA VAL B 85 1.89 7.66 26.29
C VAL B 85 3.06 8.39 25.60
N LEU B 86 3.94 7.61 24.91
CA LEU B 86 5.11 8.23 24.24
C LEU B 86 4.68 9.19 23.17
N GLY B 87 3.60 8.86 22.45
CA GLY B 87 3.17 9.75 21.35
C GLY B 87 2.68 11.10 21.88
N CYS B 88 1.91 11.05 22.99
CA CYS B 88 1.42 12.32 23.60
C CYS B 88 2.60 13.13 24.15
N ILE B 89 3.52 12.45 24.81
CA ILE B 89 4.74 13.12 25.33
C ILE B 89 5.52 13.76 24.19
N THR B 90 5.68 13.03 23.07
CA THR B 90 6.43 13.54 21.92
C THR B 90 5.74 14.79 21.36
N MET B 91 4.41 14.78 21.24
CA MET B 91 3.77 15.98 20.67
C MET B 91 4.05 17.17 21.63
N ALA B 92 3.91 16.91 22.93
CA ALA B 92 4.06 17.95 23.97
C ALA B 92 5.54 18.45 23.93
N TYR B 93 6.47 17.51 23.77
CA TYR B 93 7.90 17.86 23.72
C TYR B 93 8.30 18.74 22.50
N VAL B 94 7.82 18.37 21.31
CA VAL B 94 8.06 19.07 20.05
C VAL B 94 7.35 20.40 20.09
N TRP B 95 6.05 20.42 20.38
CA TRP B 95 5.31 21.68 20.26
C TRP B 95 5.35 22.59 21.51
N GLY B 96 5.72 22.04 22.67
CA GLY B 96 5.87 22.82 23.88
C GLY B 96 4.57 23.43 24.36
N LYS B 97 4.61 24.74 24.61
CA LYS B 97 3.43 25.48 25.01
C LYS B 97 2.50 25.82 23.86
N GLY B 98 2.89 25.54 22.61
CA GLY B 98 1.96 25.63 21.50
C GLY B 98 1.91 27.00 20.89
N HIS B 99 2.99 27.75 21.03
CA HIS B 99 3.05 29.15 20.55
C HIS B 99 4.21 29.34 19.64
N GLY B 100 4.78 28.26 19.15
CA GLY B 100 5.85 28.35 18.14
C GLY B 100 7.25 28.15 18.61
N ASP B 101 7.48 27.94 19.91
CA ASP B 101 8.80 27.60 20.36
C ASP B 101 8.87 26.08 20.32
N VAL B 102 9.56 25.54 19.32
CA VAL B 102 9.54 24.08 18.99
C VAL B 102 10.85 23.40 19.25
N ARG B 103 10.89 22.08 19.35
CA ARG B 103 12.14 21.35 19.40
C ARG B 103 12.26 20.44 18.17
N LYS B 104 13.44 20.40 17.55
CA LYS B 104 13.66 19.71 16.24
C LYS B 104 14.34 18.42 16.49
N VAL B 105 14.71 18.16 17.76
CA VAL B 105 15.36 16.91 18.10
C VAL B 105 14.61 16.27 19.25
N LEU B 106 14.28 14.99 19.11
CA LEU B 106 13.67 14.26 20.16
C LEU B 106 14.76 13.49 20.87
N PRO B 107 14.94 13.67 22.21
CA PRO B 107 16.05 13.05 22.92
C PRO B 107 16.01 11.58 22.89
N ARG B 108 17.19 10.99 22.78
CA ARG B 108 17.36 9.54 22.62
C ARG B 108 16.69 8.76 23.67
N ASN B 109 16.64 9.24 24.92
CA ASN B 109 16.11 8.32 25.93
C ASN B 109 14.62 8.03 25.76
N ILE B 110 13.94 8.94 25.08
CA ILE B 110 12.55 8.65 24.68
C ILE B 110 12.42 8.22 23.18
N ALA B 111 13.18 8.89 22.31
CA ALA B 111 13.14 8.59 20.86
C ALA B 111 13.44 7.15 20.57
N VAL B 112 14.43 6.58 21.22
CA VAL B 112 14.79 5.18 20.96
C VAL B 112 13.72 4.15 21.34
N PRO B 113 13.30 4.14 22.59
CA PRO B 113 12.23 3.19 22.85
C PRO B 113 10.90 3.51 22.10
N TYR B 114 10.59 4.78 21.83
CA TYR B 114 9.41 5.07 21.01
C TYR B 114 9.57 4.46 19.56
N CYS B 115 10.71 4.69 18.93
CA CYS B 115 10.96 4.06 17.62
C CYS B 115 11.00 2.53 17.66
N GLN B 116 11.49 1.94 18.73
CA GLN B 116 11.55 0.50 18.80
C GLN B 116 10.18 0.00 18.92
N LEU B 117 9.39 0.64 19.78
CA LEU B 117 8.01 0.16 19.99
C LEU B 117 7.22 0.36 18.71
N SER B 118 7.42 1.50 18.05
CA SER B 118 6.64 1.78 16.83
C SER B 118 6.97 0.72 15.73
N LYS B 119 8.25 0.37 15.62
CA LYS B 119 8.69 -0.66 14.66
C LYS B 119 8.04 -1.96 15.02
N LYS B 120 7.99 -2.30 16.29
CA LYS B 120 7.36 -3.54 16.62
C LYS B 120 5.88 -3.61 16.29
N LEU B 121 5.17 -2.47 16.40
CA LEU B 121 3.67 -2.46 16.17
C LEU B 121 3.37 -2.10 14.69
N GLU B 122 4.42 -1.82 13.90
CA GLU B 122 4.37 -1.45 12.49
C GLU B 122 3.59 -0.13 12.27
N LEU B 123 3.92 0.87 13.09
CA LEU B 123 3.28 2.18 13.04
C LEU B 123 4.42 3.22 13.02
N PRO B 124 4.19 4.38 12.40
CA PRO B 124 5.17 5.42 12.46
C PRO B 124 5.27 6.02 13.95
N PRO B 125 6.45 6.51 14.31
CA PRO B 125 6.75 7.11 15.65
C PRO B 125 6.24 8.55 15.67
N ILE B 126 4.91 8.67 15.50
CA ILE B 126 4.20 9.91 15.75
C ILE B 126 2.79 9.44 16.28
N LEU B 127 2.13 10.32 17.06
CA LEU B 127 0.80 10.04 17.57
C LEU B 127 -0.13 9.83 16.35
N VAL B 128 -0.82 8.70 16.22
CA VAL B 128 -1.80 8.51 15.14
C VAL B 128 -3.21 8.39 15.75
N TYR B 129 -4.22 8.38 14.89
CA TYR B 129 -5.62 8.19 15.26
C TYR B 129 -5.87 6.91 16.08
N ALA B 130 -5.28 5.76 15.65
CA ALA B 130 -5.32 4.54 16.43
C ALA B 130 -4.76 4.66 17.87
N ASP B 131 -3.87 5.65 18.14
CA ASP B 131 -3.42 5.87 19.53
C ASP B 131 -4.39 6.81 20.27
N CYS B 132 -4.57 8.01 19.75
CA CYS B 132 -5.21 9.09 20.52
C CYS B 132 -6.77 9.01 20.46
N VAL B 133 -7.32 8.23 19.54
CA VAL B 133 -8.75 7.90 19.55
C VAL B 133 -9.02 6.45 19.97
N LEU B 134 -8.52 5.52 19.18
CA LEU B 134 -8.97 4.15 19.31
C LEU B 134 -8.45 3.49 20.59
N ALA B 135 -7.33 3.95 21.15
CA ALA B 135 -6.76 3.32 22.39
C ALA B 135 -6.81 4.30 23.58
N ASN B 136 -7.43 5.46 23.35
CA ASN B 136 -7.37 6.57 24.32
C ASN B 136 -8.74 6.80 25.02
N TRP B 137 -9.29 5.73 25.60
CA TRP B 137 -10.63 5.83 26.23
C TRP B 137 -10.83 4.78 27.33
N LYS B 138 -11.79 5.06 28.20
CA LYS B 138 -12.22 4.09 29.23
C LYS B 138 -13.73 4.36 29.47
N LYS B 139 -14.45 3.37 29.98
CA LYS B 139 -15.79 3.57 30.48
C LYS B 139 -15.67 4.07 31.92
N LYS B 140 -16.55 4.99 32.36
CA LYS B 140 -16.47 5.44 33.76
C LYS B 140 -17.10 4.30 34.57
N ASP B 141 -18.26 3.84 34.15
CA ASP B 141 -18.91 2.72 34.84
C ASP B 141 -18.92 1.50 33.91
N PRO B 142 -18.08 0.48 34.18
CA PRO B 142 -18.07 -0.73 33.33
C PRO B 142 -19.44 -1.31 33.05
N ASN B 143 -20.41 -1.09 33.95
CA ASN B 143 -21.76 -1.65 33.74
C ASN B 143 -22.68 -0.85 32.85
N LYS B 144 -22.23 0.29 32.37
CA LYS B 144 -23.13 1.17 31.63
C LYS B 144 -22.71 1.25 30.16
N PRO B 145 -23.57 1.76 29.29
CA PRO B 145 -23.21 1.69 27.86
C PRO B 145 -22.07 2.66 27.41
N LEU B 146 -21.67 2.53 26.16
CA LEU B 146 -20.68 3.40 25.55
C LEU B 146 -21.37 4.63 25.04
N THR B 147 -21.55 5.60 25.93
CA THR B 147 -22.09 6.86 25.52
C THR B 147 -21.12 7.87 26.11
N TYR B 148 -21.16 9.09 25.60
CA TYR B 148 -20.23 10.11 26.05
C TYR B 148 -20.17 10.28 27.56
N GLU B 149 -21.34 10.21 28.21
CA GLU B 149 -21.52 10.57 29.63
C GLU B 149 -20.97 9.46 30.45
N ASN B 150 -20.80 8.28 29.86
CA ASN B 150 -20.17 7.24 30.64
C ASN B 150 -18.70 6.95 30.20
N MET B 151 -18.06 7.93 29.57
CA MET B 151 -16.69 7.68 29.02
C MET B 151 -15.75 8.81 29.34
N ASP B 152 -14.45 8.54 29.22
CA ASP B 152 -13.43 9.55 29.33
C ASP B 152 -12.22 9.17 28.45
N VAL B 153 -11.33 10.14 28.22
CA VAL B 153 -10.06 9.89 27.48
C VAL B 153 -9.08 9.61 28.58
N LEU B 154 -7.97 8.96 28.24
CA LEU B 154 -6.88 8.71 29.18
C LEU B 154 -5.87 9.85 29.19
N PHE B 155 -5.64 10.52 28.06
CA PHE B 155 -4.64 11.64 28.05
C PHE B 155 -5.18 12.83 27.25
N SER B 156 -4.79 14.02 27.74
CA SER B 156 -5.02 15.31 27.09
CA SER B 156 -5.04 15.30 27.08
C SER B 156 -3.72 16.08 27.00
N PHE B 157 -3.70 17.16 26.24
CA PHE B 157 -2.49 18.00 26.18
C PHE B 157 -2.50 19.21 27.12
N ARG B 158 -3.57 20.03 27.03
CA ARG B 158 -3.69 21.25 27.86
C ARG B 158 -5.07 21.27 28.48
N ASP B 159 -5.18 21.88 29.67
CA ASP B 159 -6.55 22.06 30.19
C ASP B 159 -7.33 22.98 29.29
N GLY B 160 -8.58 22.64 29.03
CA GLY B 160 -9.40 23.46 28.16
C GLY B 160 -9.20 23.11 26.68
N ASP B 161 -8.37 22.09 26.36
CA ASP B 161 -8.07 21.86 24.92
C ASP B 161 -9.21 21.14 24.15
N CYS B 162 -10.26 20.74 24.84
CA CYS B 162 -11.37 19.96 24.29
C CYS B 162 -10.95 18.61 23.70
N SER B 163 -9.82 18.08 24.18
CA SER B 163 -9.36 16.74 23.66
C SER B 163 -10.40 15.67 23.99
N LYS B 164 -10.97 15.76 25.18
CA LYS B 164 -12.05 14.86 25.53
C LYS B 164 -13.21 14.83 24.52
N GLY B 165 -13.78 15.98 24.23
CA GLY B 165 -14.89 16.02 23.32
C GLY B 165 -14.42 15.66 21.90
N PHE B 166 -13.23 16.10 21.49
CA PHE B 166 -12.84 15.82 20.11
C PHE B 166 -12.49 14.30 19.91
N PHE B 167 -11.73 13.71 20.84
CA PHE B 167 -11.35 12.28 20.73
C PHE B 167 -12.59 11.38 20.95
N LEU B 168 -13.41 11.66 21.99
CA LEU B 168 -14.59 10.78 22.27
C LEU B 168 -15.68 10.85 21.17
N VAL B 169 -16.01 12.03 20.69
CA VAL B 169 -17.03 12.10 19.63
C VAL B 169 -16.50 11.42 18.37
N SER B 170 -15.20 11.58 18.06
CA SER B 170 -14.62 10.80 16.94
C SER B 170 -14.79 9.27 17.19
N LEU B 171 -14.46 8.79 18.39
CA LEU B 171 -14.55 7.39 18.76
C LEU B 171 -16.01 6.89 18.61
N LEU B 172 -16.95 7.72 19.08
CA LEU B 172 -18.39 7.38 19.09
C LEU B 172 -18.85 7.30 17.67
N VAL B 173 -18.41 8.23 16.82
CA VAL B 173 -18.76 8.16 15.39
C VAL B 173 -18.17 6.86 14.76
N GLU B 174 -16.93 6.60 15.13
CA GLU B 174 -16.18 5.43 14.71
C GLU B 174 -16.93 4.10 15.09
N ILE B 175 -17.32 3.98 16.35
CA ILE B 175 -18.01 2.82 16.86
C ILE B 175 -19.40 2.67 16.22
N ALA B 176 -20.12 3.77 16.03
CA ALA B 176 -21.46 3.68 15.37
C ALA B 176 -21.30 3.16 13.94
N ALA B 177 -20.34 3.72 13.19
CA ALA B 177 -20.14 3.30 11.77
C ALA B 177 -19.63 1.88 11.73
N ALA B 178 -18.88 1.52 12.75
CA ALA B 178 -18.33 0.19 12.80
C ALA B 178 -19.30 -0.92 13.11
N SER B 179 -20.47 -0.64 13.68
CA SER B 179 -21.51 -1.70 13.74
C SER B 179 -21.94 -2.26 12.38
N ALA B 180 -21.62 -1.59 11.28
CA ALA B 180 -21.92 -2.16 9.96
C ALA B 180 -20.84 -3.14 9.51
N ILE B 181 -19.67 -3.09 10.17
CA ILE B 181 -18.51 -3.86 9.70
C ILE B 181 -18.91 -5.33 9.75
N LYS B 182 -19.59 -5.71 10.85
CA LYS B 182 -20.00 -7.12 11.01
C LYS B 182 -20.96 -7.63 9.93
N VAL B 183 -21.55 -6.74 9.13
CA VAL B 183 -22.53 -7.13 8.10
C VAL B 183 -21.74 -7.41 6.87
N ILE B 184 -20.50 -6.89 6.80
CA ILE B 184 -19.71 -7.12 5.55
C ILE B 184 -19.62 -8.63 5.05
N PRO B 185 -19.34 -9.59 5.97
CA PRO B 185 -19.30 -10.96 5.43
C PRO B 185 -20.70 -11.39 4.89
N THR B 186 -21.78 -10.94 5.54
CA THR B 186 -23.11 -11.24 4.97
C THR B 186 -23.27 -10.77 3.52
N VAL B 187 -22.80 -9.55 3.22
CA VAL B 187 -22.93 -8.99 1.92
C VAL B 187 -22.23 -9.93 0.94
N PHE B 188 -20.99 -10.34 1.26
CA PHE B 188 -20.27 -11.09 0.26
C PHE B 188 -20.80 -12.53 0.13
N LYS B 189 -21.20 -13.15 1.26
CA LYS B 189 -21.84 -14.45 1.20
C LYS B 189 -23.17 -14.39 0.38
N ALA B 190 -23.97 -13.34 0.61
CA ALA B 190 -25.25 -13.16 -0.15
C ALA B 190 -25.03 -12.96 -1.65
N MET B 191 -23.95 -12.29 -2.05
CA MET B 191 -23.66 -12.13 -3.48
C MET B 191 -23.32 -13.49 -4.08
N GLN B 192 -22.42 -14.21 -3.42
CA GLN B 192 -21.91 -15.44 -3.98
C GLN B 192 -23.00 -16.54 -3.89
N MET B 193 -23.77 -16.60 -2.82
CA MET B 193 -24.89 -17.55 -2.71
C MET B 193 -26.14 -17.11 -3.51
N GLN B 194 -26.10 -15.93 -4.16
CA GLN B 194 -27.26 -15.35 -4.85
C GLN B 194 -28.45 -15.23 -3.94
N GLU B 195 -28.27 -14.69 -2.75
CA GLU B 195 -29.35 -14.47 -1.83
C GLU B 195 -29.83 -13.02 -1.86
N ARG B 196 -30.67 -12.69 -2.85
CA ARG B 196 -31.17 -11.31 -3.08
C ARG B 196 -31.69 -10.61 -1.82
N ASP B 197 -32.59 -11.29 -1.11
CA ASP B 197 -33.22 -10.69 0.06
C ASP B 197 -32.18 -10.48 1.20
N THR B 198 -31.29 -11.44 1.43
CA THR B 198 -30.25 -11.23 2.44
C THR B 198 -29.31 -10.05 2.05
N LEU B 199 -28.89 -9.94 0.79
CA LEU B 199 -28.06 -8.82 0.36
C LEU B 199 -28.79 -7.48 0.62
N LEU B 200 -30.07 -7.42 0.23
CA LEU B 200 -30.83 -6.15 0.39
C LEU B 200 -30.86 -5.75 1.85
N LYS B 201 -31.14 -6.72 2.69
CA LYS B 201 -31.23 -6.48 4.15
C LYS B 201 -29.86 -6.02 4.73
N ALA B 202 -28.79 -6.68 4.29
CA ALA B 202 -27.44 -6.31 4.70
C ALA B 202 -27.11 -4.82 4.32
N LEU B 203 -27.37 -4.45 3.06
CA LEU B 203 -27.13 -3.10 2.56
C LEU B 203 -27.95 -2.08 3.32
N LEU B 204 -29.20 -2.39 3.62
CA LEU B 204 -30.00 -1.47 4.40
C LEU B 204 -29.47 -1.34 5.84
N GLU B 205 -29.01 -2.41 6.46
CA GLU B 205 -28.40 -2.31 7.79
C GLU B 205 -27.08 -1.46 7.78
N ILE B 206 -26.25 -1.61 6.77
CA ILE B 206 -25.11 -0.69 6.59
C ILE B 206 -25.54 0.77 6.51
N ALA B 207 -26.51 1.11 5.64
CA ALA B 207 -26.95 2.51 5.53
C ALA B 207 -27.43 2.98 6.89
N SER B 208 -28.12 2.10 7.59
CA SER B 208 -28.68 2.52 8.85
C SER B 208 -27.55 2.87 9.87
N CYS B 209 -26.50 2.08 9.91
CA CYS B 209 -25.37 2.38 10.84
C CYS B 209 -24.67 3.68 10.44
N LEU B 210 -24.52 3.89 9.15
CA LEU B 210 -23.83 5.10 8.67
C LEU B 210 -24.70 6.34 8.92
N GLU B 211 -26.03 6.19 8.80
CA GLU B 211 -26.98 7.31 9.14
C GLU B 211 -26.85 7.62 10.62
N LYS B 212 -26.79 6.60 11.49
CA LYS B 212 -26.63 6.77 12.93
C LYS B 212 -25.27 7.43 13.34
N ALA B 213 -24.17 7.08 12.67
CA ALA B 213 -22.88 7.83 12.81
C ALA B 213 -23.03 9.37 12.60
N LEU B 214 -23.80 9.80 11.58
CA LEU B 214 -24.02 11.21 11.37
C LEU B 214 -24.73 11.81 12.58
N GLN B 215 -25.70 11.08 13.13
CA GLN B 215 -26.43 11.54 14.36
C GLN B 215 -25.50 11.74 15.54
N VAL B 216 -24.66 10.75 15.80
CA VAL B 216 -23.63 10.80 16.86
C VAL B 216 -22.67 11.98 16.63
N PHE B 217 -22.33 12.25 15.37
CA PHE B 217 -21.47 13.39 15.06
C PHE B 217 -22.01 14.76 15.59
N HIS B 218 -23.33 14.91 15.68
CA HIS B 218 -23.96 16.20 16.12
C HIS B 218 -23.45 16.65 17.49
N GLN B 219 -23.14 15.68 18.39
CA GLN B 219 -22.57 15.91 19.73
C GLN B 219 -21.31 16.78 19.72
N ILE B 220 -20.67 16.88 18.57
CA ILE B 220 -19.44 17.63 18.52
C ILE B 220 -19.61 19.09 19.07
N HIS B 221 -20.75 19.71 18.76
CA HIS B 221 -20.97 21.16 19.03
C HIS B 221 -21.03 21.32 20.53
N ASP B 222 -21.51 20.30 21.23
CA ASP B 222 -21.65 20.35 22.67
C ASP B 222 -20.36 20.26 23.45
N HIS B 223 -19.30 19.63 22.88
CA HIS B 223 -18.10 19.31 23.66
C HIS B 223 -16.82 19.94 23.16
N VAL B 224 -16.88 20.56 22.00
CA VAL B 224 -15.67 21.13 21.43
C VAL B 224 -16.03 22.55 21.05
N ASN B 225 -15.17 23.48 21.44
CA ASN B 225 -15.42 24.84 21.20
C ASN B 225 -14.40 25.27 20.13
N PRO B 226 -14.83 26.07 19.14
CA PRO B 226 -13.97 26.43 18.04
C PRO B 226 -12.66 27.09 18.39
N LYS B 227 -12.66 28.01 19.35
CA LYS B 227 -11.41 28.73 19.63
C LYS B 227 -10.38 27.75 20.28
N ALA B 228 -10.84 26.95 21.23
CA ALA B 228 -9.98 25.93 21.89
C ALA B 228 -9.41 24.93 20.86
N PHE B 229 -10.27 24.44 19.96
CA PHE B 229 -9.83 23.51 18.94
C PHE B 229 -8.81 24.15 18.01
N PHE B 230 -9.19 25.30 17.45
CA PHE B 230 -8.32 25.92 16.42
C PHE B 230 -6.99 26.36 16.97
N SER B 231 -7.01 26.92 18.17
CA SER B 231 -5.79 27.57 18.66
C SER B 231 -4.93 26.64 19.54
N VAL B 232 -5.51 25.56 20.08
CA VAL B 232 -4.72 24.74 21.00
C VAL B 232 -4.68 23.26 20.46
N LEU B 233 -5.85 22.61 20.38
CA LEU B 233 -5.86 21.16 19.99
C LEU B 233 -5.20 20.93 18.63
N ARG B 234 -5.63 21.68 17.62
CA ARG B 234 -5.04 21.54 16.27
C ARG B 234 -3.52 21.63 16.27
N ILE B 235 -3.00 22.47 17.15
CA ILE B 235 -1.55 22.61 17.25
C ILE B 235 -0.89 21.31 17.70
N TYR B 236 -1.43 20.66 18.73
CA TYR B 236 -0.67 19.51 19.26
C TYR B 236 -0.84 18.25 18.39
N LEU B 237 -1.85 18.23 17.52
CA LEU B 237 -2.08 17.05 16.65
C LEU B 237 -1.34 17.21 15.31
N SER B 238 -0.74 18.40 15.09
CA SER B 238 0.13 18.67 13.90
C SER B 238 1.34 17.85 13.84
N GLY B 239 1.70 17.49 12.61
CA GLY B 239 2.80 16.60 12.39
C GLY B 239 4.00 17.36 11.86
N TRP B 240 4.97 16.59 11.39
CA TRP B 240 6.21 17.18 10.81
C TRP B 240 6.43 16.65 9.39
N LYS B 241 5.40 16.76 8.57
CA LYS B 241 5.56 16.43 7.14
C LYS B 241 5.04 17.65 6.41
N GLY B 242 5.85 18.33 5.62
CA GLY B 242 5.31 19.47 4.87
C GLY B 242 4.99 20.61 5.83
N ASN B 243 5.66 20.62 6.98
CA ASN B 243 5.39 21.65 7.98
C ASN B 243 6.58 22.66 7.95
N PRO B 244 6.32 23.95 7.55
CA PRO B 244 7.35 25.02 7.56
C PRO B 244 8.04 25.14 8.92
N GLN B 245 7.34 24.80 10.02
CA GLN B 245 7.96 24.89 11.35
C GLN B 245 9.03 23.84 11.61
N LEU B 246 9.01 22.74 10.86
CA LEU B 246 10.01 21.71 11.04
C LEU B 246 10.27 21.20 9.65
N SER B 247 10.70 22.09 8.77
CA SER B 247 10.65 21.80 7.32
C SER B 247 11.47 20.58 6.90
N ASP B 248 12.39 20.09 7.72
CA ASP B 248 13.03 18.79 7.38
C ASP B 248 12.48 17.59 8.18
N GLY B 249 11.46 17.80 9.02
CA GLY B 249 11.02 16.68 9.89
C GLY B 249 11.72 16.65 11.25
N LEU B 250 11.78 15.49 11.91
CA LEU B 250 12.18 15.50 13.31
C LEU B 250 13.29 14.55 13.41
N VAL B 251 14.26 14.91 14.26
CA VAL B 251 15.36 14.05 14.53
C VAL B 251 14.98 13.13 15.64
N TYR B 252 15.01 11.84 15.36
CA TYR B 252 14.80 10.79 16.35
C TYR B 252 16.18 10.39 16.84
N GLU B 253 16.63 11.17 17.80
CA GLU B 253 18.02 11.00 18.26
C GLU B 253 18.31 9.59 18.70
N GLY B 254 19.41 9.04 18.14
CA GLY B 254 19.88 7.74 18.53
C GLY B 254 19.18 6.68 17.69
N PHE B 255 18.17 7.05 16.90
CA PHE B 255 17.50 5.98 16.11
C PHE B 255 17.81 6.07 14.61
N TRP B 256 17.68 7.23 14.03
CA TRP B 256 18.09 7.50 12.64
C TRP B 256 18.90 8.77 12.76
N GLU B 257 19.94 8.85 11.91
CA GLU B 257 20.79 10.01 11.88
C GLU B 257 20.11 11.22 11.28
N ASP B 258 19.25 11.03 10.26
CA ASP B 258 18.67 12.17 9.56
C ASP B 258 17.23 12.45 10.10
N PRO B 259 16.74 13.71 9.97
CA PRO B 259 15.38 14.06 10.40
C PRO B 259 14.38 13.25 9.55
N LYS B 260 13.23 12.89 10.10
CA LYS B 260 12.23 12.09 9.34
C LYS B 260 10.89 12.85 9.40
N GLU B 261 10.16 12.83 8.29
CA GLU B 261 8.88 13.50 8.24
C GLU B 261 7.74 12.48 8.41
N PHE B 262 6.77 12.80 9.27
CA PHE B 262 5.55 12.01 9.44
C PHE B 262 4.34 12.99 9.59
N GLY B 263 3.18 12.65 8.99
CA GLY B 263 2.01 13.53 9.08
C GLY B 263 1.39 13.38 10.48
N GLY B 264 0.62 14.38 10.90
CA GLY B 264 -0.01 14.37 12.20
C GLY B 264 -1.27 13.50 12.25
N GLY B 265 -1.85 13.36 13.44
CA GLY B 265 -3.07 12.52 13.69
C GLY B 265 -4.17 12.95 12.68
N SER B 266 -4.92 12.01 12.10
CA SER B 266 -5.88 12.37 11.07
C SER B 266 -6.93 11.33 11.03
N ALA B 267 -8.17 11.77 10.97
CA ALA B 267 -9.25 10.79 10.69
C ALA B 267 -9.17 10.22 9.23
N GLY B 268 -8.29 10.76 8.39
CA GLY B 268 -7.92 10.05 7.15
C GLY B 268 -7.31 8.68 7.48
N GLN B 269 -6.85 8.49 8.74
CA GLN B 269 -6.26 7.21 9.19
C GLN B 269 -7.35 6.30 9.76
N SER B 270 -8.61 6.76 9.82
CA SER B 270 -9.69 5.88 10.28
C SER B 270 -9.94 4.81 9.26
N SER B 271 -9.89 3.57 9.69
CA SER B 271 -10.20 2.48 8.74
C SER B 271 -11.68 2.37 8.39
N VAL B 272 -12.57 2.89 9.25
CA VAL B 272 -14.01 2.67 9.03
C VAL B 272 -14.44 3.42 7.78
N PHE B 273 -13.99 4.67 7.59
CA PHE B 273 -14.37 5.34 6.35
C PHE B 273 -13.74 4.76 5.10
N GLN B 274 -12.44 4.46 5.19
CA GLN B 274 -11.79 3.95 3.99
C GLN B 274 -12.43 2.59 3.66
N CYS B 275 -12.84 1.83 4.68
CA CYS B 275 -13.42 0.50 4.39
CA CYS B 275 -13.45 0.50 4.43
C CYS B 275 -14.75 0.57 3.65
N PHE B 276 -15.62 1.48 4.07
CA PHE B 276 -16.93 1.61 3.32
C PHE B 276 -16.74 2.15 1.93
N ASP B 277 -15.82 3.10 1.74
CA ASP B 277 -15.47 3.53 0.39
C ASP B 277 -15.02 2.33 -0.49
N VAL B 278 -14.15 1.51 0.06
CA VAL B 278 -13.71 0.32 -0.66
C VAL B 278 -14.91 -0.60 -0.92
N LEU B 279 -15.71 -0.87 0.10
CA LEU B 279 -16.82 -1.82 -0.06
C LEU B 279 -17.79 -1.39 -1.19
N LEU B 280 -18.08 -0.08 -1.25
CA LEU B 280 -19.07 0.50 -2.16
C LEU B 280 -18.46 0.87 -3.49
N GLY B 281 -17.18 0.56 -3.67
CA GLY B 281 -16.54 0.76 -4.94
C GLY B 281 -16.30 2.23 -5.18
N ILE B 282 -16.18 3.01 -4.11
CA ILE B 282 -15.95 4.47 -4.29
C ILE B 282 -14.42 4.57 -4.39
N GLN B 283 -13.90 5.00 -5.49
CA GLN B 283 -12.42 4.75 -5.66
C GLN B 283 -11.64 5.94 -5.14
N GLN B 284 -11.51 6.09 -3.82
CA GLN B 284 -10.89 7.31 -3.28
C GLN B 284 -9.39 7.35 -3.48
N THR B 285 -8.78 6.18 -3.60
CA THR B 285 -7.31 6.10 -3.66
C THR B 285 -6.78 5.95 -5.12
N ALA B 286 -7.67 6.07 -6.13
CA ALA B 286 -7.32 5.87 -7.54
C ALA B 286 -6.81 7.16 -8.24
N GLY B 287 -5.90 7.06 -9.21
CA GLY B 287 -5.69 8.17 -10.18
C GLY B 287 -4.51 9.14 -9.99
N GLY B 288 -3.72 8.97 -8.93
CA GLY B 288 -2.49 9.78 -8.75
C GLY B 288 -2.71 11.21 -8.23
N GLY B 289 -3.95 11.62 -8.00
CA GLY B 289 -4.15 13.01 -7.52
C GLY B 289 -3.69 13.15 -6.07
N HIS B 290 -3.66 14.39 -5.58
CA HIS B 290 -3.29 14.70 -4.20
C HIS B 290 -4.22 14.04 -3.12
N ALA B 291 -5.53 14.20 -3.26
CA ALA B 291 -6.47 13.51 -2.38
C ALA B 291 -6.20 11.98 -2.31
N ALA B 292 -6.19 11.31 -3.47
CA ALA B 292 -5.94 9.87 -3.52
C ALA B 292 -4.61 9.48 -2.81
N GLN B 293 -3.55 10.23 -3.10
CA GLN B 293 -2.24 9.92 -2.51
C GLN B 293 -2.27 10.11 -0.97
N PHE B 294 -2.94 11.16 -0.52
CA PHE B 294 -3.03 11.35 0.92
C PHE B 294 -3.77 10.19 1.59
N LEU B 295 -4.97 9.79 1.10
CA LEU B 295 -5.71 8.66 1.76
C LEU B 295 -4.95 7.31 1.68
N GLN B 296 -4.27 7.06 0.54
CA GLN B 296 -3.47 5.86 0.39
C GLN B 296 -2.30 5.90 1.42
N ASP B 297 -1.62 7.04 1.49
CA ASP B 297 -0.49 7.14 2.42
C ASP B 297 -0.94 7.00 3.92
N MET B 298 -2.13 7.51 4.27
CA MET B 298 -2.61 7.36 5.68
C MET B 298 -2.80 5.90 6.09
N ARG B 299 -2.89 5.00 5.10
CA ARG B 299 -3.07 3.54 5.44
C ARG B 299 -1.82 3.04 6.15
N ARG B 300 -0.71 3.69 5.84
CA ARG B 300 0.57 3.33 6.49
C ARG B 300 0.47 3.73 7.99
N TYR B 301 -0.47 4.61 8.36
CA TYR B 301 -0.58 5.04 9.76
C TYR B 301 -1.64 4.23 10.52
N MET B 302 -2.27 3.26 9.87
CA MET B 302 -3.25 2.42 10.56
C MET B 302 -2.53 1.20 11.06
N PRO B 303 -2.99 0.58 12.16
CA PRO B 303 -2.36 -0.69 12.52
C PRO B 303 -2.37 -1.74 11.34
N PRO B 304 -1.28 -2.56 11.26
CA PRO B 304 -1.17 -3.45 10.10
C PRO B 304 -2.39 -4.36 9.96
N ALA B 305 -2.98 -4.85 11.05
CA ALA B 305 -4.10 -5.80 10.91
C ALA B 305 -5.26 -5.15 10.17
N HIS B 306 -5.33 -3.83 10.32
CA HIS B 306 -6.50 -3.07 9.81
C HIS B 306 -6.24 -2.69 8.37
N ARG B 307 -5.01 -2.35 8.06
CA ARG B 307 -4.71 -2.14 6.67
C ARG B 307 -4.80 -3.46 5.85
N ASN B 308 -4.49 -4.59 6.48
CA ASN B 308 -4.73 -5.89 5.82
C ASN B 308 -6.19 -6.19 5.60
N PHE B 309 -7.04 -5.80 6.58
CA PHE B 309 -8.52 -5.90 6.37
C PHE B 309 -8.91 -5.10 5.15
N LEU B 310 -8.36 -3.87 5.04
CA LEU B 310 -8.72 -3.02 3.88
CA LEU B 310 -8.67 -3.00 3.91
C LEU B 310 -8.25 -3.62 2.56
N CYS B 311 -7.00 -4.12 2.49
CA CYS B 311 -6.61 -4.73 1.20
C CYS B 311 -7.46 -6.00 0.97
N SER B 312 -7.81 -6.76 2.00
CA SER B 312 -8.65 -7.97 1.73
C SER B 312 -10.03 -7.60 1.14
N LEU B 313 -10.63 -6.48 1.59
CA LEU B 313 -11.87 -5.99 0.94
C LEU B 313 -11.65 -5.66 -0.49
N GLU B 314 -10.54 -5.02 -0.81
CA GLU B 314 -10.25 -4.75 -2.20
C GLU B 314 -10.20 -6.01 -3.07
N SER B 315 -9.94 -7.17 -2.49
CA SER B 315 -9.84 -8.35 -3.33
C SER B 315 -11.22 -9.01 -3.57
N ASN B 316 -12.26 -8.58 -2.90
CA ASN B 316 -13.57 -9.17 -3.17
C ASN B 316 -14.26 -8.70 -4.43
N PRO B 317 -15.29 -9.44 -4.92
CA PRO B 317 -15.99 -8.86 -6.10
C PRO B 317 -16.79 -7.59 -5.73
N SER B 318 -17.07 -6.78 -6.74
CA SER B 318 -17.68 -5.48 -6.55
C SER B 318 -19.19 -5.56 -6.21
N VAL B 319 -19.59 -5.02 -5.05
CA VAL B 319 -20.97 -4.88 -4.67
C VAL B 319 -21.70 -3.99 -5.65
N ARG B 320 -21.08 -2.86 -5.99
CA ARG B 320 -21.58 -1.99 -6.99
C ARG B 320 -21.95 -2.72 -8.32
N GLU B 321 -20.99 -3.46 -8.88
CA GLU B 321 -21.20 -4.16 -10.18
C GLU B 321 -22.39 -5.13 -10.07
N PHE B 322 -22.44 -5.84 -8.95
CA PHE B 322 -23.43 -6.89 -8.73
C PHE B 322 -24.83 -6.24 -8.73
N VAL B 323 -24.98 -5.22 -7.90
CA VAL B 323 -26.21 -4.44 -7.81
C VAL B 323 -26.62 -3.83 -9.17
N LEU B 324 -25.65 -3.31 -9.89
CA LEU B 324 -25.88 -2.84 -11.26
C LEU B 324 -26.29 -3.93 -12.22
N SER B 325 -25.97 -5.19 -11.95
CA SER B 325 -26.19 -6.17 -12.99
C SER B 325 -27.60 -6.81 -12.91
N LYS B 326 -28.38 -6.53 -11.87
CA LYS B 326 -29.57 -7.33 -11.53
C LYS B 326 -30.95 -6.75 -11.97
N GLY B 327 -30.94 -5.49 -12.37
CA GLY B 327 -32.16 -4.79 -12.83
C GLY B 327 -33.13 -4.84 -11.69
N ASP B 328 -32.61 -4.59 -10.48
CA ASP B 328 -33.39 -4.70 -9.25
C ASP B 328 -33.39 -3.33 -8.49
N ALA B 329 -34.51 -2.58 -8.57
CA ALA B 329 -34.58 -1.25 -7.93
C ALA B 329 -34.41 -1.30 -6.42
N GLY B 330 -34.96 -2.31 -5.76
CA GLY B 330 -34.75 -2.47 -4.33
C GLY B 330 -33.23 -2.53 -3.98
N LEU B 331 -32.45 -3.34 -4.70
CA LEU B 331 -30.99 -3.39 -4.44
C LEU B 331 -30.31 -2.05 -4.83
N ARG B 332 -30.61 -1.47 -5.98
CA ARG B 332 -30.00 -0.19 -6.36
C ARG B 332 -30.22 0.85 -5.26
N GLU B 333 -31.43 0.89 -4.72
CA GLU B 333 -31.80 1.85 -3.67
C GLU B 333 -31.09 1.64 -2.33
N ALA B 334 -30.92 0.38 -1.97
CA ALA B 334 -30.25 0.04 -0.73
C ALA B 334 -28.77 0.40 -0.90
N TYR B 335 -28.19 0.14 -2.07
CA TYR B 335 -26.79 0.51 -2.30
C TYR B 335 -26.67 2.05 -2.27
N ASP B 336 -27.59 2.76 -2.93
CA ASP B 336 -27.53 4.22 -2.93
C ASP B 336 -27.77 4.79 -1.50
N ALA B 337 -28.61 4.15 -0.69
CA ALA B 337 -28.76 4.49 0.74
C ALA B 337 -27.39 4.50 1.48
N CYS B 338 -26.51 3.52 1.21
CA CYS B 338 -25.17 3.52 1.80
C CYS B 338 -24.33 4.70 1.32
N VAL B 339 -24.29 4.93 0.00
CA VAL B 339 -23.46 5.93 -0.60
C VAL B 339 -23.97 7.33 -0.15
N LYS B 340 -25.27 7.46 -0.11
CA LYS B 340 -25.91 8.68 0.34
C LYS B 340 -25.55 9.03 1.78
N ALA B 341 -25.55 8.02 2.65
CA ALA B 341 -25.16 8.22 4.05
C ALA B 341 -23.69 8.77 4.12
N LEU B 342 -22.80 8.32 3.23
CA LEU B 342 -21.43 8.80 3.27
C LEU B 342 -21.35 10.22 2.70
N VAL B 343 -22.17 10.50 1.68
CA VAL B 343 -22.29 11.87 1.19
C VAL B 343 -22.79 12.79 2.33
N SER B 344 -23.85 12.41 3.05
CA SER B 344 -24.35 13.28 4.10
C SER B 344 -23.35 13.45 5.18
N LEU B 345 -22.64 12.36 5.55
CA LEU B 345 -21.56 12.52 6.55
C LEU B 345 -20.50 13.51 6.08
N ARG B 346 -20.07 13.43 4.85
CA ARG B 346 -19.03 14.33 4.38
C ARG B 346 -19.54 15.78 4.17
N SER B 347 -20.81 15.96 3.72
CA SER B 347 -21.40 17.36 3.64
C SER B 347 -21.50 18.03 5.02
N TYR B 348 -21.96 17.28 6.01
CA TYR B 348 -21.97 17.72 7.37
C TYR B 348 -20.55 18.05 7.85
N HIS B 349 -19.61 17.17 7.56
CA HIS B 349 -18.22 17.44 7.98
C HIS B 349 -17.67 18.75 7.35
N LEU B 350 -18.12 19.11 6.14
CA LEU B 350 -17.69 20.38 5.56
C LEU B 350 -18.16 21.53 6.44
N GLN B 351 -19.37 21.42 6.99
CA GLN B 351 -19.99 22.46 7.81
C GLN B 351 -19.16 22.55 9.12
N ILE B 352 -18.74 21.40 9.63
CA ILE B 352 -17.90 21.30 10.86
C ILE B 352 -16.57 21.97 10.64
N VAL B 353 -15.94 21.67 9.51
CA VAL B 353 -14.66 22.29 9.23
C VAL B 353 -14.74 23.85 9.07
N THR B 354 -15.80 24.33 8.42
CA THR B 354 -16.11 25.78 8.40
C THR B 354 -16.20 26.34 9.82
N LYS B 355 -17.01 25.71 10.67
CA LYS B 355 -17.14 26.17 12.03
C LYS B 355 -15.83 26.14 12.81
N TYR B 356 -15.05 25.07 12.64
CA TYR B 356 -13.94 24.81 13.61
C TYR B 356 -12.59 25.25 13.10
N ILE B 357 -12.49 25.45 11.80
CA ILE B 357 -11.21 25.88 11.31
C ILE B 357 -11.33 27.19 10.46
N LEU B 358 -12.19 27.20 9.42
CA LEU B 358 -12.20 28.32 8.49
C LEU B 358 -12.62 29.62 9.21
N ILE B 359 -13.70 29.57 9.98
CA ILE B 359 -14.11 30.79 10.72
C ILE B 359 -13.05 31.28 11.76
N PRO B 360 -12.57 30.39 12.69
CA PRO B 360 -11.38 30.83 13.48
C PRO B 360 -10.20 31.38 12.66
N ALA B 361 -9.73 30.68 11.61
CA ALA B 361 -8.58 31.17 10.84
C ALA B 361 -8.83 32.60 10.31
N SER B 362 -10.08 32.93 10.03
CA SER B 362 -10.38 34.24 9.47
C SER B 362 -10.29 35.32 10.54
N GLN B 363 -10.27 34.96 11.81
CA GLN B 363 -10.02 35.96 12.85
C GLN B 363 -8.85 35.67 13.81
N GLY B 383 -4.54 27.00 1.28
CA GLY B 383 -4.30 26.83 2.72
C GLY B 383 -5.58 26.23 3.32
N GLY B 384 -6.49 27.12 3.71
CA GLY B 384 -7.88 26.72 4.02
C GLY B 384 -8.60 26.33 2.73
N THR B 385 -8.22 26.95 1.61
CA THR B 385 -8.76 26.50 0.34
C THR B 385 -8.17 25.13 -0.13
N ASP B 386 -6.93 24.78 0.21
CA ASP B 386 -6.39 23.42 -0.07
C ASP B 386 -7.17 22.39 0.75
N LEU B 387 -7.52 22.79 1.97
CA LEU B 387 -8.22 21.91 2.89
C LEU B 387 -9.58 21.60 2.28
N MET B 388 -10.29 22.66 1.91
CA MET B 388 -11.64 22.55 1.43
C MET B 388 -11.72 21.85 0.08
N ASN B 389 -10.73 22.10 -0.76
CA ASN B 389 -10.59 21.34 -2.04
C ASN B 389 -10.39 19.83 -1.82
N PHE B 390 -9.52 19.47 -0.88
CA PHE B 390 -9.36 18.06 -0.54
C PHE B 390 -10.72 17.42 -0.10
N LEU B 391 -11.38 18.03 0.88
CA LEU B 391 -12.59 17.45 1.42
C LEU B 391 -13.68 17.38 0.33
N LYS B 392 -13.80 18.44 -0.47
CA LYS B 392 -14.77 18.45 -1.58
C LYS B 392 -14.43 17.41 -2.63
N THR B 393 -13.15 17.18 -2.88
CA THR B 393 -12.78 16.10 -3.82
C THR B 393 -13.25 14.74 -3.31
N VAL B 394 -13.01 14.46 -2.02
CA VAL B 394 -13.41 13.17 -1.41
C VAL B 394 -14.96 13.07 -1.42
N ARG B 395 -15.64 14.18 -1.11
CA ARG B 395 -17.11 14.19 -1.11
C ARG B 395 -17.67 13.92 -2.53
N SER B 396 -17.06 14.53 -3.52
CA SER B 396 -17.56 14.49 -4.88
C SER B 396 -17.32 13.06 -5.46
N THR B 397 -16.19 12.44 -5.12
CA THR B 397 -15.94 11.05 -5.53
C THR B 397 -17.03 10.16 -4.99
N THR B 398 -17.43 10.39 -3.75
CA THR B 398 -18.57 9.71 -3.13
C THR B 398 -19.91 10.00 -3.87
N GLU B 399 -20.17 11.27 -4.11
CA GLU B 399 -21.50 11.65 -4.69
C GLU B 399 -21.59 11.14 -6.12
N LYS B 400 -20.47 11.13 -6.84
CA LYS B 400 -20.47 10.64 -8.18
C LYS B 400 -20.66 9.11 -8.25
N SER B 401 -20.58 8.40 -7.13
CA SER B 401 -20.82 6.96 -7.20
C SER B 401 -22.30 6.62 -7.08
N LEU B 402 -23.13 7.61 -6.78
CA LEU B 402 -24.55 7.33 -6.65
C LEU B 402 -25.06 6.76 -7.99
N LEU B 403 -25.92 5.74 -7.95
CA LEU B 403 -26.45 5.07 -9.21
C LEU B 403 -27.42 6.01 -9.84
N LYS B 404 -28.26 6.57 -8.99
CA LYS B 404 -29.28 7.54 -9.39
C LYS B 404 -28.93 8.79 -8.60
N GLU B 405 -29.14 9.95 -9.19
CA GLU B 405 -29.17 11.19 -8.42
C GLU B 405 -29.83 11.19 -6.98
N GLY B 406 -29.09 11.64 -5.97
CA GLY B 406 -29.63 11.86 -4.61
C GLY B 406 -30.77 12.87 -4.44
CHA HEM C . 15.51 -4.27 -9.02
CHB HEM C . 18.69 -3.80 -12.64
CHC HEM C . 18.15 -8.52 -13.79
CHD HEM C . 14.97 -8.96 -10.13
C1A HEM C . 16.35 -3.75 -9.97
C2A HEM C . 16.62 -2.37 -10.11
C3A HEM C . 17.49 -2.22 -11.12
C4A HEM C . 17.79 -3.51 -11.64
CMA HEM C . 18.07 -0.91 -11.67
CAA HEM C . 16.00 -1.26 -9.27
CBA HEM C . 14.51 -1.10 -9.60
CGA HEM C . 14.16 -0.42 -10.90
O1A HEM C . 13.14 -0.69 -11.58
O2A HEM C . 14.90 0.43 -11.36
C1B HEM C . 18.85 -5.07 -13.22
C2B HEM C . 19.75 -5.34 -14.31
C3B HEM C . 19.59 -6.66 -14.70
C4B HEM C . 18.59 -7.19 -13.74
CMB HEM C . 20.65 -4.26 -14.85
CAB HEM C . 20.30 -7.52 -15.72
CBB HEM C . 20.88 -6.89 -16.77
C1C HEM C . 17.17 -9.05 -12.96
C2C HEM C . 16.61 -10.31 -13.09
C3C HEM C . 15.74 -10.43 -12.05
C4C HEM C . 15.71 -9.18 -11.29
CMC HEM C . 17.00 -11.36 -14.12
CAC HEM C . 14.93 -11.65 -11.82
CBC HEM C . 13.62 -11.55 -11.94
C1D HEM C . 14.97 -7.71 -9.48
C2D HEM C . 14.10 -7.50 -8.29
C3D HEM C . 14.24 -6.17 -7.99
C4D HEM C . 15.16 -5.60 -9.01
CMD HEM C . 13.24 -8.54 -7.58
CAD HEM C . 13.53 -5.42 -6.86
CBD HEM C . 14.51 -5.30 -5.65
CGD HEM C . 14.58 -6.61 -4.84
O1D HEM C . 15.71 -7.06 -4.46
O2D HEM C . 13.53 -7.20 -4.48
NA HEM C . 17.05 -4.44 -10.97
NB HEM C . 18.21 -6.19 -12.97
NC HEM C . 16.59 -8.34 -11.90
ND HEM C . 15.56 -6.52 -9.91
FE HEM C . 16.85 -6.35 -11.41
N1 PIM D . 13.65 -4.78 -13.43
C2 PIM D . 14.58 -4.73 -12.45
N3 PIM D . 15.39 -5.83 -12.60
C4 PIM D . 15.02 -6.52 -13.71
C5 PIM D . 13.93 -5.85 -14.20
C6 PIM D . 13.03 -6.12 -15.44
C7 PIM D . 12.19 -5.14 -15.98
C8 PIM D . 11.36 -5.44 -17.07
C9 PIM D . 11.48 -6.75 -17.67
C10 PIM D . 12.31 -7.72 -17.16
C11 PIM D . 13.10 -7.41 -16.04
C3' NHE E . 16.04 -2.41 -15.02
C2' NHE E . 14.76 -1.83 -14.36
C1' NHE E . 14.43 -0.48 -14.91
C6' NHE E . 14.24 -0.60 -16.46
N NHE E . 13.18 -0.03 -14.32
C1 NHE E . 13.17 1.42 -14.25
C2 NHE E . 11.82 1.99 -14.10
S NHE E . 11.85 3.69 -14.19
O1 NHE E . 10.53 4.06 -13.63
O2 NHE E . 12.13 4.06 -15.60
O3 NHE E . 12.81 4.38 -13.31
C5' NHE E . 15.44 -1.29 -17.12
C4' NHE E . 15.58 -2.67 -16.46
C3' NHE F . 13.67 4.23 -7.86
C3' NHE F . 14.39 2.88 -7.12
C2' NHE F . 13.70 3.78 -9.31
C2' NHE F . 13.06 3.05 -7.86
C1' NHE F . 15.11 4.02 -9.85
C1' NHE F . 13.15 3.90 -9.12
C6' NHE F . 16.18 3.37 -8.98
C6' NHE F . 14.16 3.20 -10.00
N NHE F . 15.22 3.53 -11.21
N NHE F . 11.85 3.89 -9.77
C1 NHE F . 16.51 3.05 -11.68
C1 NHE F . 11.24 5.00 -10.46
C2 NHE F . 16.31 2.46 -13.05
C2 NHE F . 9.77 4.57 -10.78
S NHE F . 17.52 3.00 -14.03
S NHE F . 8.71 5.27 -9.67
O1 NHE F . 17.52 2.09 -15.22
O1 NHE F . 8.85 4.64 -8.38
O2 NHE F . 18.77 2.92 -13.24
O2 NHE F . 7.36 4.95 -10.14
O3 NHE F . 17.32 4.42 -14.42
O3 NHE F . 9.03 6.70 -9.51
C5' NHE F . 16.00 3.50 -7.47
C5' NHE F . 15.51 3.15 -9.29
C4' NHE F . 14.55 3.28 -7.07
C4' NHE F . 15.41 2.28 -8.03
CHA HEM G . -10.58 14.95 7.22
CHB HEM G . -10.97 18.64 10.33
CHC HEM G . -14.24 16.15 12.98
CHD HEM G . -13.67 12.35 9.99
C1A HEM G . -10.43 16.13 7.90
C2A HEM G . -9.42 17.07 7.57
C3A HEM G . -9.46 18.04 8.47
C4A HEM G . -10.54 17.78 9.31
CMA HEM G . -8.56 19.29 8.41
CAA HEM G . -8.36 17.01 6.49
CBA HEM G . -7.40 15.84 6.79
CGA HEM G . -6.37 16.19 7.81
O1A HEM G . -5.88 15.34 8.60
O2A HEM G . -5.96 17.37 7.86
C1B HEM G . -11.97 18.30 11.29
C2B HEM G . -12.39 19.20 12.35
C3B HEM G . -13.31 18.51 13.12
C4B HEM G . -13.44 17.16 12.47
CMB HEM G . -11.88 20.62 12.49
CAB HEM G . -14.06 18.91 14.28
CBB HEM G . -13.59 19.87 15.11
C1C HEM G . -14.30 14.85 12.48
C2C HEM G . -14.94 13.76 13.06
C3C HEM G . -14.75 12.69 12.20
C4C HEM G . -14.00 13.14 11.07
CMC HEM G . -15.69 13.70 14.36
CAC HEM G . -15.31 11.34 12.44
CBC HEM G . -14.60 10.34 12.91
C1D HEM G . -12.84 12.81 8.97
C2D HEM G . -12.49 11.93 7.83
C3D HEM G . -11.64 12.66 7.09
C4D HEM G . -11.48 13.99 7.76
CMD HEM G . -12.94 10.51 7.58
CAD HEM G . -10.91 12.22 5.83
CBD HEM G . -11.61 12.70 4.52
CGD HEM G . -12.87 11.86 4.24
O1D HEM G . -13.99 12.44 4.07
O2D HEM G . -12.82 10.63 4.18
NA HEM G . -11.09 16.53 9.04
NB HEM G . -12.63 17.15 11.43
NC HEM G . -13.68 14.46 11.32
ND HEM G . -12.16 14.01 8.91
FE HEM G . -12.39 15.52 10.14
N1 PIM H . -8.88 14.23 11.77
C2 PIM H . -9.64 14.71 10.75
N3 PIM H . -10.90 14.88 11.23
C4 PIM H . -10.97 14.47 12.53
C5 PIM H . -9.69 14.08 12.83
C6 PIM H . -9.06 13.54 14.07
C7 PIM H . -7.64 13.52 14.21
C8 PIM H . -7.13 12.97 15.43
C9 PIM H . -8.02 12.54 16.43
C10 PIM H . -9.39 12.50 16.26
C11 PIM H . -9.89 13.04 15.04
C3' NHE I . -7.98 17.62 12.48
C2' NHE I . -7.00 16.82 11.59
C1' NHE I . -5.59 17.36 11.56
C6' NHE I . -5.06 17.63 13.00
N NHE I . -4.67 16.45 10.87
C1 NHE I . -3.59 17.21 10.28
C2 NHE I . -2.35 16.40 10.02
S NHE I . -1.03 17.39 9.50
O1 NHE I . -1.41 18.25 8.38
O2 NHE I . -0.02 16.37 9.10
O3 NHE I . -0.52 18.24 10.60
C5' NHE I . -6.09 18.47 13.80
C4' NHE I . -7.38 17.64 13.87
C3' NHE J . -3.46 17.42 2.95
C3' NHE J . -4.40 17.19 2.94
C2' NHE J . -3.34 17.60 4.46
C2' NHE J . -3.46 16.24 3.68
C1' NHE J . -4.10 18.87 4.83
C1' NHE J . -2.36 17.02 4.39
C6' NHE J . -5.57 18.78 4.43
C6' NHE J . -3.08 17.79 5.51
N NHE J . -4.03 19.07 6.27
N NHE J . -1.25 16.19 4.87
C1 NHE J . -4.71 20.21 6.84
C1 NHE J . 0.12 16.72 4.88
C2 NHE J . -4.84 20.06 8.35
C2 NHE J . 1.22 15.71 4.50
S NHE J . -4.82 21.64 8.82
S NHE J . 0.84 14.26 5.21
O1 NHE J . -5.22 21.75 10.27
O1 NHE J . 0.21 13.43 4.17
O2 NHE J . -5.75 22.36 7.93
O2 NHE J . -0.05 14.53 6.40
O3 NHE J . -3.45 22.13 8.59
O3 NHE J . 1.96 13.47 5.72
C5' NHE J . -5.85 18.05 3.13
C5' NHE J . -4.13 18.74 4.92
C4' NHE J . -4.88 16.93 2.76
C4' NHE J . -5.11 18.07 3.94
#